data_2BFM
#
_entry.id   2BFM
#
_cell.length_a   94.703
_cell.length_b   104.443
_cell.length_c   138.061
_cell.angle_alpha   90.00
_cell.angle_beta   90.00
_cell.angle_gamma   90.00
#
_symmetry.space_group_name_H-M   'P 21 21 21'
#
loop_
_entity.id
_entity.type
_entity.pdbx_description
1 polymer 'PTERIDINE REDUCTASE 1'
2 non-polymer 'NADPH DIHYDRO-NICOTINAMIDE-ADENINE-DINUCLEOTIDE PHOSPHATE'
3 non-polymer TRIMETHOPRIM
4 water water
#
_entity_poly.entity_id   1
_entity_poly.type   'polypeptide(L)'
_entity_poly.pdbx_seq_one_letter_code
;MTAPTVPVALVTGAAKRLGRSIAEGLHAEGYAVCLHYHRSAAEANALSATLNARRPNSAITVQADLSNVATAPVSGADGS
APVTLFTRCAELVAACYTHWGRCDVLVNNASSFYPTPLLRNDEDGHEPCVGDREAMETATADLFGSNAIAPYFLIKAFAH
RVAGTPAKHRGTNYSIINMVDAMTNQPLLGYTIYTMAKGALEGLTRSAALELAPLQIRVNGVGPGLSVLVDDMPPAVWEG
HRSKVPLYQRDSSAAEVSDVVIFLCSSKAKYITGTCVKVDGGYSLTRA
;
_entity_poly.pdbx_strand_id   A,B,C,D
#
loop_
_chem_comp.id
_chem_comp.type
_chem_comp.name
_chem_comp.formula
NDP non-polymer 'NADPH DIHYDRO-NICOTINAMIDE-ADENINE-DINUCLEOTIDE PHOSPHATE' 'C21 H30 N7 O17 P3'
TOP non-polymer TRIMETHOPRIM 'C14 H18 N4 O3'
#
# COMPACT_ATOMS: atom_id res chain seq x y z
N VAL A 6 32.89 14.21 -15.14
CA VAL A 6 32.83 12.75 -14.82
C VAL A 6 32.11 12.46 -13.51
N PRO A 7 30.86 11.99 -13.58
CA PRO A 7 30.10 11.73 -12.35
C PRO A 7 30.56 10.50 -11.58
N VAL A 8 30.39 10.55 -10.27
CA VAL A 8 30.80 9.47 -9.37
C VAL A 8 29.61 8.72 -8.70
N ALA A 9 29.77 7.42 -8.60
CA ALA A 9 28.77 6.59 -7.95
C ALA A 9 29.43 5.71 -6.90
N LEU A 10 28.81 5.66 -5.72
CA LEU A 10 29.25 4.78 -4.63
C LEU A 10 28.25 3.62 -4.53
N VAL A 11 28.72 2.40 -4.70
CA VAL A 11 27.83 1.24 -4.64
C VAL A 11 28.26 0.32 -3.48
N THR A 12 27.45 0.24 -2.45
CA THR A 12 27.83 -0.64 -1.34
C THR A 12 27.55 -2.10 -1.68
N GLY A 13 28.41 -3.00 -1.21
CA GLY A 13 28.28 -4.43 -1.52
C GLY A 13 28.33 -4.63 -3.02
N ALA A 14 29.31 -3.99 -3.66
CA ALA A 14 29.49 -4.00 -5.10
C ALA A 14 30.30 -5.18 -5.68
N ALA A 15 30.84 -6.03 -4.80
CA ALA A 15 31.73 -7.12 -5.21
C ALA A 15 31.17 -8.18 -6.17
N LYS A 16 29.91 -8.55 -6.00
CA LYS A 16 29.35 -9.59 -6.84
C LYS A 16 27.85 -9.46 -7.04
N ARG A 17 27.30 -10.39 -7.78
CA ARG A 17 25.84 -10.48 -8.01
C ARG A 17 25.20 -9.14 -8.46
N LEU A 18 24.12 -8.71 -7.80
CA LEU A 18 23.42 -7.48 -8.19
C LEU A 18 24.27 -6.22 -7.99
N GLY A 19 25.06 -6.17 -6.93
CA GLY A 19 25.94 -5.04 -6.67
C GLY A 19 26.97 -4.84 -7.77
N ARG A 20 27.49 -5.94 -8.31
CA ARG A 20 28.46 -5.92 -9.41
C ARG A 20 27.81 -5.46 -10.72
N SER A 21 26.65 -6.01 -11.02
CA SER A 21 25.86 -5.66 -12.18
C SER A 21 25.47 -4.17 -12.16
N ILE A 22 25.18 -3.63 -10.97
CA ILE A 22 24.83 -2.22 -10.82
C ILE A 22 26.05 -1.37 -11.11
N ALA A 23 27.18 -1.74 -10.51
CA ALA A 23 28.43 -1.03 -10.70
C ALA A 23 28.85 -1.05 -12.17
N GLU A 24 28.75 -2.22 -12.79
CA GLU A 24 29.08 -2.36 -14.21
C GLU A 24 28.14 -1.50 -15.06
N GLY A 25 26.86 -1.48 -14.69
CA GLY A 25 25.85 -0.71 -15.42
C GLY A 25 26.12 0.77 -15.41
N LEU A 26 26.45 1.29 -14.22
CA LEU A 26 26.76 2.71 -14.05
C LEU A 26 28.06 3.06 -14.78
N HIS A 27 29.03 2.16 -14.70
CA HIS A 27 30.32 2.35 -15.36
C HIS A 27 30.14 2.48 -16.88
N ALA A 28 29.23 1.69 -17.45
CA ALA A 28 28.95 1.73 -18.89
C ALA A 28 28.27 3.03 -19.33
N GLU A 29 27.71 3.78 -18.37
CA GLU A 29 27.08 5.07 -18.65
C GLU A 29 28.09 6.23 -18.48
N GLY A 30 29.33 5.92 -18.10
CA GLY A 30 30.37 6.91 -17.96
C GLY A 30 30.75 7.28 -16.54
N TYR A 31 30.13 6.63 -15.57
CA TYR A 31 30.37 6.90 -14.16
C TYR A 31 31.71 6.34 -13.64
N ALA A 32 32.36 7.09 -12.77
CA ALA A 32 33.52 6.56 -12.04
C ALA A 32 32.87 5.84 -10.84
N VAL A 33 33.37 4.67 -10.47
CA VAL A 33 32.70 3.89 -9.41
C VAL A 33 33.52 3.49 -8.19
N CYS A 34 33.02 3.85 -7.02
CA CYS A 34 33.62 3.44 -5.75
C CYS A 34 32.93 2.15 -5.31
N LEU A 35 33.67 1.03 -5.46
CA LEU A 35 33.15 -0.28 -5.15
C LEU A 35 33.43 -0.58 -3.70
N HIS A 36 32.38 -0.68 -2.88
CA HIS A 36 32.58 -1.00 -1.48
C HIS A 36 32.42 -2.49 -1.29
N TYR A 37 33.14 -3.04 -0.31
CA TYR A 37 33.03 -4.46 0.02
C TYR A 37 33.27 -4.67 1.51
N HIS A 38 32.86 -5.84 1.99
CA HIS A 38 33.10 -6.19 3.39
C HIS A 38 34.12 -7.32 3.41
N ARG A 39 33.70 -8.52 3.01
CA ARG A 39 34.54 -9.71 3.01
C ARG A 39 35.12 -10.08 1.64
N SER A 40 34.38 -9.76 0.58
CA SER A 40 34.79 -10.11 -0.78
C SER A 40 35.90 -9.24 -1.39
N ALA A 41 37.08 -9.25 -0.77
CA ALA A 41 38.22 -8.46 -1.23
C ALA A 41 38.71 -8.87 -2.62
N ALA A 42 38.91 -10.17 -2.82
CA ALA A 42 39.41 -10.70 -4.09
C ALA A 42 38.52 -10.33 -5.27
N GLU A 43 37.22 -10.58 -5.13
CA GLU A 43 36.24 -10.30 -6.16
C GLU A 43 36.14 -8.82 -6.45
N ALA A 44 36.15 -7.99 -5.41
CA ALA A 44 36.09 -6.53 -5.56
C ALA A 44 37.28 -6.00 -6.37
N ASN A 45 38.48 -6.44 -6.00
CA ASN A 45 39.71 -6.05 -6.67
C ASN A 45 39.76 -6.53 -8.15
N ALA A 46 39.19 -7.69 -8.39
CA ALA A 46 39.12 -8.24 -9.75
C ALA A 46 38.18 -7.40 -10.60
N LEU A 47 37.10 -6.92 -9.98
CA LEU A 47 36.15 -6.05 -10.67
C LEU A 47 36.75 -4.65 -10.94
N SER A 48 37.52 -4.13 -9.99
CA SER A 48 38.17 -2.84 -10.15
C SER A 48 39.13 -2.87 -11.32
N ALA A 49 39.91 -3.95 -11.41
CA ALA A 49 40.89 -4.18 -12.47
C ALA A 49 40.25 -4.10 -13.86
N THR A 50 39.15 -4.84 -14.05
CA THR A 50 38.42 -4.87 -15.31
C THR A 50 37.94 -3.48 -15.69
N LEU A 51 37.34 -2.77 -14.73
CA LEU A 51 36.82 -1.42 -14.98
C LEU A 51 37.94 -0.42 -15.28
N ASN A 52 39.00 -0.46 -14.48
CA ASN A 52 40.17 0.40 -14.69
C ASN A 52 40.91 0.07 -16.00
N ALA A 53 40.76 -1.16 -16.49
CA ALA A 53 41.37 -1.55 -17.76
C ALA A 53 40.60 -0.98 -18.95
N ARG A 54 39.28 -0.99 -18.86
CA ARG A 54 38.40 -0.42 -19.89
C ARG A 54 38.52 1.11 -19.93
N ARG A 55 38.69 1.72 -18.74
CA ARG A 55 38.80 3.17 -18.61
C ARG A 55 39.69 3.48 -17.40
N PRO A 56 40.90 3.99 -17.66
CA PRO A 56 41.85 4.33 -16.60
C PRO A 56 41.23 5.24 -15.55
N ASN A 57 41.51 4.95 -14.28
CA ASN A 57 41.02 5.71 -13.11
C ASN A 57 39.50 5.83 -13.00
N SER A 58 38.78 4.76 -13.37
CA SER A 58 37.34 4.79 -13.27
C SER A 58 36.80 3.90 -12.13
N ALA A 59 37.67 3.42 -11.25
CA ALA A 59 37.26 2.54 -10.14
C ALA A 59 38.25 2.49 -8.97
N ILE A 60 37.70 2.40 -7.75
CA ILE A 60 38.50 2.22 -6.55
C ILE A 60 37.74 1.24 -5.65
N THR A 61 38.41 0.70 -4.63
CA THR A 61 37.77 -0.22 -3.70
C THR A 61 38.01 0.20 -2.26
N VAL A 62 36.91 0.31 -1.49
CA VAL A 62 36.90 0.65 -0.05
C VAL A 62 36.23 -0.48 0.80
N GLN A 63 36.87 -0.86 1.91
CA GLN A 63 36.42 -1.94 2.80
C GLN A 63 35.71 -1.37 4.03
N ALA A 64 34.61 -2.01 4.42
CA ALA A 64 33.85 -1.57 5.59
C ALA A 64 32.77 -2.54 6.07
N ASP A 65 32.70 -2.69 7.38
CA ASP A 65 31.66 -3.47 8.03
C ASP A 65 30.55 -2.46 8.30
N LEU A 66 29.38 -2.68 7.69
CA LEU A 66 28.25 -1.78 7.84
C LEU A 66 27.31 -2.22 8.96
N SER A 67 27.77 -3.20 9.74
CA SER A 67 27.02 -3.69 10.87
C SER A 67 27.00 -2.59 11.92
N ASN A 68 25.90 -2.49 12.67
CA ASN A 68 25.75 -1.47 13.73
C ASN A 68 26.61 -1.75 14.99
N VAL A 69 27.92 -1.77 14.82
CA VAL A 69 28.88 -2.03 15.90
C VAL A 69 30.07 -1.11 15.76
N ALA A 70 30.81 -0.90 16.84
CA ALA A 70 32.02 -0.09 16.79
C ALA A 70 33.21 -0.97 16.34
N THR A 71 34.13 -0.42 15.51
CA THR A 71 35.33 -1.17 15.10
C THR A 71 36.59 -0.75 15.86
N ALA A 72 37.58 -1.65 15.81
CA ALA A 72 38.90 -1.52 16.47
C ALA A 72 39.67 -0.22 16.23
N PRO A 73 40.34 0.31 17.27
CA PRO A 73 41.20 1.49 17.17
C PRO A 73 41.87 1.68 15.80
N ALA A 81 41.08 3.90 20.66
CA ALA A 81 39.68 4.33 20.71
C ALA A 81 38.85 3.62 19.62
N PRO A 82 37.56 3.34 19.89
CA PRO A 82 36.73 2.59 18.92
C PRO A 82 36.10 3.47 17.81
N VAL A 83 35.89 2.90 16.62
CA VAL A 83 35.29 3.62 15.49
C VAL A 83 33.81 3.23 15.33
N THR A 84 32.93 4.21 15.35
CA THR A 84 31.48 3.98 15.22
C THR A 84 31.03 3.71 13.78
N LEU A 85 29.82 3.18 13.63
CA LEU A 85 29.25 2.89 12.31
C LEU A 85 29.09 4.18 11.50
N PHE A 86 28.69 5.26 12.16
CA PHE A 86 28.55 6.55 11.52
C PHE A 86 29.86 7.01 10.86
N THR A 87 30.93 7.00 11.65
CA THR A 87 32.25 7.39 11.18
C THR A 87 32.63 6.59 9.91
N ARG A 88 32.50 5.27 10.02
CA ARG A 88 32.79 4.36 8.91
C ARG A 88 31.99 4.72 7.64
N CYS A 89 30.74 5.15 7.83
CA CYS A 89 29.87 5.55 6.73
C CYS A 89 30.31 6.88 6.13
N ALA A 90 30.68 7.82 6.98
CA ALA A 90 31.19 9.10 6.51
C ALA A 90 32.45 8.90 5.69
N GLU A 91 33.31 7.97 6.12
CA GLU A 91 34.57 7.64 5.44
C GLU A 91 34.36 7.09 4.04
N LEU A 92 33.28 6.37 3.85
CA LEU A 92 32.94 5.83 2.53
C LEU A 92 32.62 6.96 1.55
N VAL A 93 31.85 7.95 2.00
CA VAL A 93 31.47 9.08 1.17
C VAL A 93 32.69 9.94 0.92
N ALA A 94 33.47 10.16 1.97
CA ALA A 94 34.71 10.95 1.90
C ALA A 94 35.70 10.44 0.84
N ALA A 95 35.83 9.11 0.76
CA ALA A 95 36.74 8.47 -0.20
C ALA A 95 36.41 8.85 -1.64
N CYS A 96 35.14 9.14 -1.91
CA CYS A 96 34.70 9.56 -3.23
C CYS A 96 35.18 10.97 -3.50
N TYR A 97 35.02 11.87 -2.52
CA TYR A 97 35.44 13.27 -2.65
C TYR A 97 36.96 13.41 -2.69
N THR A 98 37.66 12.64 -1.86
CA THR A 98 39.13 12.63 -1.84
C THR A 98 39.73 12.22 -3.19
N HIS A 99 39.20 11.14 -3.78
CA HIS A 99 39.74 10.64 -5.03
C HIS A 99 39.30 11.34 -6.30
N TRP A 100 38.02 11.72 -6.36
CA TRP A 100 37.48 12.35 -7.56
C TRP A 100 36.88 13.74 -7.36
N GLY A 101 36.81 14.22 -6.12
CA GLY A 101 36.24 15.52 -5.85
C GLY A 101 34.71 15.61 -5.89
N ARG A 102 34.02 14.48 -6.04
CA ARG A 102 32.55 14.49 -6.12
C ARG A 102 31.91 13.12 -5.83
N CYS A 103 30.60 13.13 -5.56
CA CYS A 103 29.79 11.92 -5.34
C CYS A 103 28.36 12.22 -5.79
N ASP A 104 27.97 11.72 -6.96
CA ASP A 104 26.64 12.02 -7.49
C ASP A 104 25.59 10.96 -7.23
N VAL A 105 26.00 9.70 -7.16
CA VAL A 105 25.06 8.61 -6.98
C VAL A 105 25.42 7.72 -5.79
N LEU A 106 24.40 7.35 -5.02
CA LEU A 106 24.56 6.42 -3.90
C LEU A 106 23.62 5.24 -4.09
N VAL A 107 24.15 4.02 -4.00
CA VAL A 107 23.32 2.84 -4.11
C VAL A 107 23.50 1.96 -2.88
N ASN A 108 22.51 1.97 -2.01
CA ASN A 108 22.55 1.15 -0.80
C ASN A 108 22.11 -0.26 -1.17
N ASN A 109 23.10 -1.09 -1.50
CA ASN A 109 22.86 -2.45 -1.97
C ASN A 109 23.28 -3.52 -0.97
N ALA A 110 24.31 -3.23 -0.19
CA ALA A 110 24.83 -4.19 0.81
C ALA A 110 23.71 -4.67 1.73
N SER A 111 23.72 -5.96 2.05
CA SER A 111 22.63 -6.54 2.83
C SER A 111 22.84 -7.98 3.34
N SER A 112 22.74 -8.16 4.66
CA SER A 112 22.78 -9.51 5.20
C SER A 112 21.38 -10.11 5.13
N PHE A 113 21.31 -11.42 4.90
CA PHE A 113 20.04 -12.10 4.73
C PHE A 113 20.09 -13.53 5.27
N TYR A 114 19.56 -13.75 6.48
CA TYR A 114 19.48 -15.06 7.10
C TYR A 114 18.35 -15.05 8.14
N PRO A 115 17.86 -16.22 8.53
CA PRO A 115 16.72 -16.31 9.45
C PRO A 115 16.95 -15.87 10.90
N THR A 116 15.91 -15.29 11.50
CA THR A 116 15.86 -14.97 12.91
C THR A 116 14.48 -15.40 13.35
N PRO A 117 14.32 -16.69 13.64
CA PRO A 117 13.01 -17.25 13.96
C PRO A 117 12.48 -16.69 15.28
N LEU A 118 11.16 -16.49 15.36
CA LEU A 118 10.51 -16.03 16.59
C LEU A 118 10.31 -17.24 17.48
N LEU A 119 10.49 -18.41 16.87
CA LEU A 119 10.31 -19.71 17.53
C LEU A 119 11.54 -20.59 17.43
N ARG A 120 11.88 -21.23 18.56
CA ARG A 120 13.02 -22.16 18.66
C ARG A 120 12.64 -23.51 18.03
N GLY A 131 28.83 -17.58 24.04
CA GLY A 131 27.93 -18.67 24.37
C GLY A 131 26.82 -18.87 23.34
N ASP A 132 25.79 -18.03 23.45
CA ASP A 132 24.63 -18.09 22.54
C ASP A 132 24.12 -16.70 22.19
N ARG A 133 24.26 -15.76 23.14
CA ARG A 133 23.81 -14.37 22.97
C ARG A 133 24.65 -13.64 21.91
N GLU A 134 25.58 -14.40 21.33
CA GLU A 134 26.40 -13.95 20.23
C GLU A 134 25.52 -13.94 18.98
N ALA A 135 25.01 -15.12 18.58
CA ALA A 135 24.11 -15.22 17.43
C ALA A 135 22.80 -14.45 17.70
N MET A 136 22.78 -13.76 18.84
CA MET A 136 21.63 -12.99 19.31
C MET A 136 21.81 -11.51 19.01
N GLU A 137 22.72 -10.88 19.73
CA GLU A 137 22.96 -9.46 19.58
C GLU A 137 23.64 -9.11 18.26
N THR A 138 24.45 -10.04 17.75
CA THR A 138 25.19 -9.78 16.50
C THR A 138 24.31 -9.82 15.26
N ALA A 139 23.26 -10.63 15.28
CA ALA A 139 22.34 -10.73 14.15
C ALA A 139 21.56 -9.43 13.98
N THR A 140 21.04 -8.91 15.09
CA THR A 140 20.27 -7.67 15.10
C THR A 140 21.08 -6.53 14.49
N ALA A 141 22.27 -6.32 15.02
CA ALA A 141 23.11 -5.23 14.54
C ALA A 141 23.59 -5.41 13.08
N ASP A 142 23.83 -6.67 12.70
CA ASP A 142 24.27 -6.97 11.35
C ASP A 142 23.14 -6.72 10.34
N LEU A 143 22.01 -7.37 10.56
CA LEU A 143 20.87 -7.25 9.68
C LEU A 143 20.31 -5.82 9.68
N PHE A 144 20.17 -5.20 10.86
CA PHE A 144 19.61 -3.85 10.91
C PHE A 144 20.56 -2.77 10.45
N GLY A 145 21.86 -2.99 10.63
CA GLY A 145 22.85 -2.00 10.26
C GLY A 145 23.07 -1.96 8.75
N SER A 146 23.29 -3.12 8.17
CA SER A 146 23.54 -3.24 6.74
C SER A 146 22.35 -2.81 5.93
N ASN A 147 21.16 -3.23 6.36
CA ASN A 147 19.93 -2.96 5.63
C ASN A 147 19.24 -1.63 5.92
N ALA A 148 19.57 -0.99 7.04
CA ALA A 148 18.85 0.24 7.44
C ALA A 148 19.67 1.36 8.06
N ILE A 149 20.32 1.08 9.20
CA ILE A 149 21.08 2.15 9.87
C ILE A 149 22.24 2.68 9.01
N ALA A 150 23.06 1.79 8.43
CA ALA A 150 24.14 2.24 7.55
C ALA A 150 23.60 3.11 6.38
N PRO A 151 22.58 2.61 5.65
CA PRO A 151 21.94 3.43 4.60
C PRO A 151 21.56 4.82 5.11
N TYR A 152 21.00 4.89 6.32
CA TYR A 152 20.64 6.17 6.91
C TYR A 152 21.86 7.11 7.04
N PHE A 153 22.92 6.62 7.68
CA PHE A 153 24.14 7.40 7.90
C PHE A 153 24.79 7.80 6.59
N LEU A 154 24.77 6.87 5.64
CA LEU A 154 25.35 7.13 4.32
C LEU A 154 24.60 8.25 3.65
N ILE A 155 23.28 8.23 3.74
CA ILE A 155 22.46 9.30 3.14
C ILE A 155 22.77 10.67 3.79
N LYS A 156 22.78 10.73 5.13
CA LYS A 156 23.12 11.95 5.86
C LYS A 156 24.48 12.49 5.40
N ALA A 157 25.49 11.62 5.34
CA ALA A 157 26.83 11.99 4.92
C ALA A 157 26.80 12.54 3.48
N PHE A 158 26.09 11.81 2.61
CA PHE A 158 25.94 12.20 1.20
C PHE A 158 25.31 13.59 1.10
N ALA A 159 24.25 13.81 1.87
CA ALA A 159 23.50 15.06 1.85
C ALA A 159 24.31 16.22 2.41
N HIS A 160 25.09 15.92 3.43
CA HIS A 160 25.96 16.89 4.07
C HIS A 160 27.00 17.45 3.09
N ARG A 161 27.65 16.55 2.33
CA ARG A 161 28.65 16.93 1.33
C ARG A 161 28.04 17.75 0.20
N VAL A 162 26.85 17.37 -0.29
CA VAL A 162 26.15 18.16 -1.32
C VAL A 162 25.86 19.56 -0.78
N ALA A 163 25.28 19.61 0.43
CA ALA A 163 24.92 20.88 1.09
C ALA A 163 26.13 21.78 1.30
N GLY A 164 27.28 21.20 1.62
CA GLY A 164 28.51 21.95 1.85
C GLY A 164 29.19 22.46 0.59
N THR A 165 28.86 21.88 -0.56
CA THR A 165 29.39 22.28 -1.85
C THR A 165 28.67 23.54 -2.31
N PRO A 166 29.40 24.60 -2.68
CA PRO A 166 28.79 25.84 -3.19
C PRO A 166 27.94 25.55 -4.43
N ALA A 167 26.73 26.08 -4.45
CA ALA A 167 25.77 25.84 -5.53
C ALA A 167 26.40 25.82 -6.94
N LYS A 168 27.35 26.73 -7.13
CA LYS A 168 28.07 26.88 -8.39
C LYS A 168 28.93 25.67 -8.79
N HIS A 169 29.27 24.79 -7.84
CA HIS A 169 30.06 23.60 -8.11
C HIS A 169 29.30 22.29 -7.90
N ARG A 170 27.98 22.33 -7.78
CA ARG A 170 27.20 21.11 -7.57
C ARG A 170 26.95 20.36 -8.86
N GLY A 171 26.78 19.03 -8.76
CA GLY A 171 26.44 18.19 -9.91
C GLY A 171 24.99 18.50 -10.28
N THR A 172 24.55 18.03 -11.45
CA THR A 172 23.20 18.35 -11.93
C THR A 172 22.22 17.17 -11.87
N ASN A 173 22.68 16.03 -11.35
CA ASN A 173 21.86 14.84 -11.28
C ASN A 173 22.16 13.93 -10.08
N TYR A 174 21.85 14.42 -8.88
CA TYR A 174 22.07 13.65 -7.65
C TYR A 174 21.00 12.58 -7.48
N SER A 175 21.43 11.34 -7.31
CA SER A 175 20.45 10.24 -7.18
C SER A 175 20.85 9.16 -6.18
N ILE A 176 19.93 8.82 -5.28
CA ILE A 176 20.14 7.75 -4.31
C ILE A 176 19.17 6.59 -4.54
N ILE A 177 19.72 5.39 -4.68
CA ILE A 177 18.88 4.21 -4.85
C ILE A 177 19.02 3.27 -3.66
N ASN A 178 17.90 2.90 -3.07
CA ASN A 178 17.88 1.95 -1.96
C ASN A 178 17.35 0.60 -2.44
N MET A 179 18.14 -0.45 -2.25
CA MET A 179 17.70 -1.77 -2.67
C MET A 179 16.76 -2.34 -1.62
N VAL A 180 15.49 -2.46 -1.97
CA VAL A 180 14.49 -2.96 -1.05
C VAL A 180 14.04 -4.39 -1.41
N ASP A 181 12.78 -4.72 -1.18
CA ASP A 181 12.29 -6.07 -1.41
C ASP A 181 10.83 -6.05 -1.84
N ALA A 182 10.55 -6.57 -3.02
CA ALA A 182 9.18 -6.59 -3.53
C ALA A 182 8.22 -7.49 -2.73
N MET A 183 8.77 -8.50 -2.07
CA MET A 183 8.00 -9.50 -1.34
C MET A 183 7.79 -9.30 0.16
N THR A 184 8.32 -8.22 0.75
CA THR A 184 8.19 -8.04 2.21
C THR A 184 6.77 -7.85 2.74
N ASN A 185 5.82 -7.52 1.85
CA ASN A 185 4.41 -7.42 2.20
C ASN A 185 3.78 -8.80 2.38
N GLN A 186 4.52 -9.82 1.93
CA GLN A 186 4.16 -11.22 2.03
C GLN A 186 5.43 -11.88 2.58
N PRO A 187 5.71 -11.66 3.87
CA PRO A 187 7.00 -12.03 4.47
C PRO A 187 7.43 -13.48 4.34
N LEU A 188 8.74 -13.65 4.28
CA LEU A 188 9.35 -14.95 4.22
C LEU A 188 9.36 -15.48 5.65
N LEU A 189 8.77 -16.65 5.87
CA LEU A 189 8.69 -17.25 7.21
C LEU A 189 10.06 -17.40 7.91
N GLY A 190 10.19 -16.79 9.07
CA GLY A 190 11.42 -16.86 9.84
C GLY A 190 12.45 -15.74 9.65
N TYR A 191 12.15 -14.78 8.77
CA TYR A 191 13.10 -13.72 8.48
C TYR A 191 12.69 -12.35 9.03
N THR A 192 12.08 -12.35 10.22
CA THR A 192 11.55 -11.15 10.85
C THR A 192 12.43 -9.91 10.89
N ILE A 193 13.69 -10.02 11.33
CA ILE A 193 14.48 -8.83 11.44
C ILE A 193 14.80 -8.28 10.07
N TYR A 194 15.15 -9.17 9.14
CA TYR A 194 15.45 -8.78 7.78
C TYR A 194 14.27 -8.03 7.20
N THR A 195 13.08 -8.61 7.38
CA THR A 195 11.85 -7.99 6.89
C THR A 195 11.66 -6.63 7.57
N MET A 196 11.91 -6.57 8.87
CA MET A 196 11.78 -5.33 9.64
C MET A 196 12.74 -4.32 9.08
N ALA A 197 13.97 -4.75 8.82
CA ALA A 197 15.02 -3.88 8.29
C ALA A 197 14.65 -3.27 6.93
N LYS A 198 14.06 -4.08 6.05
CA LYS A 198 13.61 -3.60 4.75
C LYS A 198 12.47 -2.59 4.85
N GLY A 199 11.58 -2.81 5.83
CA GLY A 199 10.49 -1.88 6.11
C GLY A 199 11.04 -0.51 6.49
N ALA A 200 12.13 -0.53 7.26
CA ALA A 200 12.80 0.69 7.70
C ALA A 200 13.43 1.41 6.51
N LEU A 201 14.03 0.65 5.61
CA LEU A 201 14.63 1.18 4.39
C LEU A 201 13.60 1.90 3.49
N GLU A 202 12.43 1.29 3.31
CA GLU A 202 11.34 1.90 2.55
C GLU A 202 10.97 3.25 3.21
N GLY A 203 10.87 3.24 4.54
CA GLY A 203 10.59 4.43 5.31
C GLY A 203 11.65 5.50 5.06
N LEU A 204 12.92 5.11 5.05
CA LEU A 204 14.00 6.03 4.82
C LEU A 204 13.85 6.66 3.44
N THR A 205 13.54 5.82 2.45
CA THR A 205 13.34 6.28 1.07
C THR A 205 12.36 7.44 0.96
N ARG A 206 11.23 7.34 1.65
CA ARG A 206 10.20 8.37 1.60
C ARG A 206 10.62 9.64 2.38
N SER A 207 11.18 9.45 3.57
CA SER A 207 11.60 10.55 4.44
C SER A 207 12.72 11.36 3.79
N ALA A 208 13.72 10.65 3.28
CA ALA A 208 14.86 11.29 2.61
C ALA A 208 14.42 11.99 1.33
N ALA A 209 13.52 11.36 0.57
CA ALA A 209 13.07 11.99 -0.66
C ALA A 209 12.47 13.37 -0.39
N LEU A 210 11.63 13.44 0.64
CA LEU A 210 10.97 14.66 1.03
C LEU A 210 11.94 15.72 1.58
N GLU A 211 12.81 15.33 2.48
CA GLU A 211 13.75 16.27 3.09
C GLU A 211 14.85 16.81 2.15
N LEU A 212 15.33 15.96 1.25
CA LEU A 212 16.40 16.33 0.34
C LEU A 212 15.91 16.89 -1.02
N ALA A 213 14.59 16.92 -1.23
CA ALA A 213 14.03 17.49 -2.43
C ALA A 213 14.51 18.93 -2.74
N PRO A 214 14.58 19.84 -1.76
CA PRO A 214 15.11 21.20 -2.04
C PRO A 214 16.55 21.23 -2.62
N LEU A 215 17.35 20.19 -2.39
CA LEU A 215 18.71 20.15 -2.94
C LEU A 215 18.74 19.34 -4.21
N GLN A 216 17.56 19.01 -4.73
CA GLN A 216 17.42 18.23 -5.97
C GLN A 216 18.05 16.84 -5.89
N ILE A 217 18.05 16.28 -4.69
CA ILE A 217 18.57 14.94 -4.51
C ILE A 217 17.36 14.01 -4.50
N ARG A 218 17.27 13.16 -5.51
CA ARG A 218 16.18 12.19 -5.59
C ARG A 218 16.49 10.90 -4.81
N VAL A 219 15.48 10.35 -4.16
CA VAL A 219 15.68 9.12 -3.41
C VAL A 219 14.59 8.14 -3.76
N ASN A 220 14.98 7.04 -4.39
CA ASN A 220 14.03 6.02 -4.80
C ASN A 220 14.41 4.62 -4.35
N GLY A 221 13.55 3.65 -4.66
CA GLY A 221 13.80 2.29 -4.28
C GLY A 221 13.58 1.30 -5.39
N VAL A 222 14.41 0.27 -5.43
CA VAL A 222 14.25 -0.82 -6.39
C VAL A 222 14.03 -2.10 -5.56
N GLY A 223 12.94 -2.81 -5.84
CA GLY A 223 12.62 -4.00 -5.07
C GLY A 223 12.59 -5.28 -5.88
N PRO A 224 13.65 -6.09 -5.81
CA PRO A 224 13.70 -7.37 -6.51
C PRO A 224 12.80 -8.39 -5.84
N GLY A 225 12.36 -9.40 -6.59
CA GLY A 225 11.58 -10.49 -6.06
C GLY A 225 12.49 -11.70 -5.87
N LEU A 226 12.78 -12.38 -6.98
CA LEU A 226 13.75 -13.48 -6.99
C LEU A 226 14.78 -13.21 -8.09
N SER A 227 16.01 -12.87 -7.70
CA SER A 227 17.10 -12.60 -8.67
C SER A 227 18.35 -13.40 -8.38
N VAL A 228 18.89 -14.01 -9.43
CA VAL A 228 20.12 -14.83 -9.34
C VAL A 228 20.05 -15.74 -8.10
N LEU A 229 18.94 -16.47 -7.99
CA LEU A 229 18.67 -17.33 -6.83
C LEU A 229 19.80 -18.32 -6.59
N VAL A 230 20.29 -18.36 -5.34
CA VAL A 230 21.41 -19.25 -5.01
C VAL A 230 20.97 -20.73 -5.05
N ASP A 231 21.74 -21.54 -5.77
CA ASP A 231 21.43 -22.96 -6.01
C ASP A 231 22.04 -23.98 -5.01
N ASP A 232 22.31 -23.53 -3.78
CA ASP A 232 22.83 -24.41 -2.73
C ASP A 232 21.68 -25.22 -2.07
N MET A 233 21.01 -26.06 -2.86
CA MET A 233 19.86 -26.87 -2.41
C MET A 233 19.56 -27.92 -3.48
N PRO A 234 18.62 -28.85 -3.26
CA PRO A 234 18.32 -29.85 -4.29
C PRO A 234 17.76 -29.17 -5.54
N PRO A 235 18.22 -29.53 -6.74
CA PRO A 235 17.79 -28.88 -7.99
C PRO A 235 16.29 -28.72 -8.13
N ALA A 236 15.53 -29.72 -7.66
CA ALA A 236 14.07 -29.72 -7.79
C ALA A 236 13.42 -28.65 -6.93
N VAL A 237 13.93 -28.50 -5.71
CA VAL A 237 13.44 -27.50 -4.76
C VAL A 237 13.73 -26.09 -5.31
N TRP A 238 14.86 -25.97 -6.00
CA TRP A 238 15.31 -24.74 -6.61
C TRP A 238 14.44 -24.37 -7.81
N GLU A 239 14.03 -25.39 -8.58
CA GLU A 239 13.13 -25.21 -9.73
C GLU A 239 11.73 -24.95 -9.21
N GLY A 240 11.48 -25.37 -7.96
CA GLY A 240 10.22 -25.17 -7.28
C GLY A 240 9.99 -23.70 -6.97
N HIS A 241 11.04 -23.02 -6.49
CA HIS A 241 10.95 -21.61 -6.18
C HIS A 241 10.76 -20.81 -7.48
N ARG A 242 11.72 -20.91 -8.39
CA ARG A 242 11.65 -20.13 -9.64
C ARG A 242 10.38 -20.32 -10.49
N SER A 243 9.76 -21.50 -10.44
CA SER A 243 8.54 -21.76 -11.19
C SER A 243 7.28 -21.02 -10.64
N LYS A 244 7.38 -20.47 -9.43
CA LYS A 244 6.28 -19.73 -8.81
C LYS A 244 6.13 -18.32 -9.36
N VAL A 245 7.18 -17.80 -9.99
CA VAL A 245 7.14 -16.47 -10.62
C VAL A 245 6.25 -16.58 -11.86
N PRO A 246 5.15 -15.83 -11.94
CA PRO A 246 4.23 -15.92 -13.08
C PRO A 246 4.88 -15.62 -14.44
N LEU A 247 5.73 -14.59 -14.52
CA LEU A 247 6.41 -14.21 -15.77
C LEU A 247 7.74 -14.99 -15.99
N TYR A 248 7.77 -15.79 -17.05
CA TYR A 248 8.93 -16.62 -17.41
C TYR A 248 9.14 -17.84 -16.52
N GLN A 249 8.48 -17.90 -15.37
CA GLN A 249 8.63 -19.02 -14.43
C GLN A 249 10.09 -19.22 -14.06
N ARG A 250 10.76 -18.12 -13.71
CA ARG A 250 12.16 -18.12 -13.34
C ARG A 250 12.60 -16.89 -12.53
N ASP A 251 13.74 -17.01 -11.87
CA ASP A 251 14.34 -15.89 -11.17
C ASP A 251 14.93 -14.96 -12.25
N SER A 252 15.17 -13.71 -11.87
CA SER A 252 15.69 -12.74 -12.83
C SER A 252 17.21 -12.81 -12.93
N SER A 253 17.72 -12.23 -14.02
CA SER A 253 19.15 -12.06 -14.20
C SER A 253 19.52 -10.79 -13.40
N ALA A 254 20.81 -10.58 -13.17
CA ALA A 254 21.26 -9.40 -12.43
C ALA A 254 21.00 -8.13 -13.25
N ALA A 255 21.17 -8.22 -14.55
CA ALA A 255 20.94 -7.09 -15.47
C ALA A 255 19.48 -6.64 -15.43
N GLU A 256 18.56 -7.60 -15.46
CA GLU A 256 17.12 -7.32 -15.40
C GLU A 256 16.74 -6.43 -14.20
N VAL A 257 17.56 -6.46 -13.16
CA VAL A 257 17.39 -5.59 -12.01
C VAL A 257 18.28 -4.34 -12.13
N SER A 258 19.58 -4.54 -12.35
CA SER A 258 20.52 -3.40 -12.43
C SER A 258 20.14 -2.35 -13.49
N ASP A 259 19.60 -2.77 -14.63
CA ASP A 259 19.16 -1.84 -15.69
C ASP A 259 18.12 -0.82 -15.20
N VAL A 260 17.24 -1.26 -14.28
CA VAL A 260 16.21 -0.42 -13.69
C VAL A 260 16.87 0.64 -12.78
N VAL A 261 17.85 0.21 -12.00
CA VAL A 261 18.60 1.10 -11.13
C VAL A 261 19.28 2.17 -11.98
N ILE A 262 19.89 1.74 -13.09
CA ILE A 262 20.58 2.66 -14.00
C ILE A 262 19.56 3.69 -14.57
N PHE A 263 18.41 3.21 -15.03
CA PHE A 263 17.40 4.13 -15.58
C PHE A 263 16.95 5.18 -14.55
N LEU A 264 16.67 4.75 -13.32
CA LEU A 264 16.27 5.68 -12.27
C LEU A 264 17.35 6.74 -11.95
N CYS A 265 18.60 6.45 -12.29
CA CYS A 265 19.70 7.38 -12.07
C CYS A 265 19.88 8.35 -13.24
N SER A 266 19.36 7.97 -14.42
CA SER A 266 19.47 8.82 -15.60
C SER A 266 18.65 10.11 -15.48
N SER A 267 19.08 11.15 -16.19
CA SER A 267 18.40 12.44 -16.16
C SER A 267 16.97 12.36 -16.71
N LYS A 268 16.68 11.30 -17.47
CA LYS A 268 15.35 11.04 -17.99
C LYS A 268 14.37 10.64 -16.86
N ALA A 269 14.90 10.33 -15.68
CA ALA A 269 14.06 9.98 -14.54
C ALA A 269 14.04 11.07 -13.46
N LYS A 270 14.49 12.28 -13.80
CA LYS A 270 14.59 13.38 -12.85
C LYS A 270 13.30 13.85 -12.14
N TYR A 271 12.13 13.38 -12.59
CA TYR A 271 10.88 13.75 -11.90
C TYR A 271 10.44 12.67 -10.89
N ILE A 272 11.07 11.49 -10.95
CA ILE A 272 10.72 10.41 -10.02
C ILE A 272 11.49 10.55 -8.72
N THR A 273 10.76 10.48 -7.61
CA THR A 273 11.36 10.50 -6.27
C THR A 273 10.39 9.96 -5.22
N GLY A 274 10.90 9.29 -4.21
CA GLY A 274 10.06 8.74 -3.15
C GLY A 274 9.25 7.50 -3.49
N THR A 275 9.56 6.86 -4.61
CA THR A 275 8.82 5.69 -5.04
C THR A 275 9.68 4.43 -5.10
N CYS A 276 9.04 3.29 -4.90
CA CYS A 276 9.68 1.99 -4.97
C CYS A 276 9.17 1.24 -6.21
N VAL A 277 10.10 0.78 -7.04
CA VAL A 277 9.78 0.06 -8.25
C VAL A 277 10.03 -1.44 -8.09
N LYS A 278 8.97 -2.24 -8.18
CA LYS A 278 9.08 -3.70 -8.09
C LYS A 278 9.64 -4.30 -9.38
N VAL A 279 10.68 -5.10 -9.27
CA VAL A 279 11.27 -5.80 -10.42
C VAL A 279 11.15 -7.28 -10.04
N ASP A 280 9.93 -7.80 -10.12
CA ASP A 280 9.64 -9.14 -9.60
C ASP A 280 8.89 -10.12 -10.50
N GLY A 281 8.64 -9.71 -11.75
CA GLY A 281 7.94 -10.58 -12.70
C GLY A 281 6.57 -11.04 -12.23
N GLY A 282 5.93 -10.20 -11.40
CA GLY A 282 4.60 -10.50 -10.92
C GLY A 282 4.48 -11.43 -9.73
N TYR A 283 5.62 -11.74 -9.10
CA TYR A 283 5.65 -12.61 -7.93
C TYR A 283 4.76 -12.10 -6.81
N SER A 284 4.77 -10.78 -6.57
CA SER A 284 3.96 -10.18 -5.50
C SER A 284 2.44 -10.28 -5.72
N LEU A 285 2.04 -10.64 -6.94
CA LEU A 285 0.64 -10.79 -7.27
C LEU A 285 0.13 -12.20 -6.96
N THR A 286 1.01 -13.08 -6.49
CA THR A 286 0.57 -14.44 -6.18
C THR A 286 0.04 -14.62 -4.75
N ARG A 287 -0.58 -15.78 -4.52
CA ARG A 287 -1.15 -16.16 -3.23
C ARG A 287 -0.96 -17.65 -3.10
N ALA A 288 -0.95 -18.15 -1.86
CA ALA A 288 -0.79 -19.58 -1.58
C ALA A 288 -2.02 -20.41 -2.01
N VAL B 6 -9.48 -15.09 34.37
CA VAL B 6 -9.01 -13.65 34.33
C VAL B 6 -7.72 -13.48 33.48
N PRO B 7 -7.89 -12.97 32.26
CA PRO B 7 -6.78 -12.79 31.30
C PRO B 7 -5.85 -11.62 31.66
N VAL B 8 -4.60 -11.70 31.21
CA VAL B 8 -3.59 -10.67 31.52
C VAL B 8 -3.12 -9.94 30.29
N ALA B 9 -2.89 -8.64 30.45
CA ALA B 9 -2.42 -7.78 29.36
C ALA B 9 -1.24 -6.97 29.81
N LEU B 10 -0.20 -6.92 28.99
CA LEU B 10 0.99 -6.13 29.24
C LEU B 10 0.95 -4.95 28.28
N VAL B 11 0.95 -3.74 28.81
CA VAL B 11 0.92 -2.53 27.98
C VAL B 11 2.17 -1.71 28.26
N THR B 12 3.04 -1.56 27.26
CA THR B 12 4.26 -0.78 27.44
C THR B 12 3.93 0.70 27.30
N GLY B 13 4.65 1.55 28.04
CA GLY B 13 4.39 2.98 28.05
C GLY B 13 2.94 3.24 28.44
N ALA B 14 2.48 2.57 29.51
CA ALA B 14 1.09 2.63 29.97
C ALA B 14 0.76 3.77 30.93
N ALA B 15 1.77 4.52 31.36
CA ALA B 15 1.60 5.58 32.36
C ALA B 15 0.62 6.69 32.03
N LYS B 16 0.53 7.08 30.76
CA LYS B 16 -0.37 8.18 30.41
C LYS B 16 -0.88 8.18 28.97
N ARG B 17 -1.59 9.26 28.61
CA ARG B 17 -2.13 9.45 27.27
C ARG B 17 -2.74 8.16 26.67
N LEU B 18 -2.33 7.76 25.47
CA LEU B 18 -2.89 6.56 24.80
C LEU B 18 -2.62 5.24 25.52
N GLY B 19 -1.41 5.09 26.08
CA GLY B 19 -1.06 3.89 26.83
C GLY B 19 -1.99 3.67 28.03
N ARG B 20 -2.34 4.75 28.72
CA ARG B 20 -3.23 4.72 29.88
C ARG B 20 -4.62 4.32 29.44
N SER B 21 -5.15 5.07 28.49
CA SER B 21 -6.46 4.80 27.92
C SER B 21 -6.59 3.33 27.46
N ILE B 22 -5.51 2.76 26.91
CA ILE B 22 -5.52 1.36 26.47
C ILE B 22 -5.61 0.43 27.69
N ALA B 23 -4.76 0.69 28.69
CA ALA B 23 -4.77 -0.08 29.93
C ALA B 23 -6.13 0.03 30.65
N GLU B 24 -6.69 1.24 30.71
CA GLU B 24 -7.99 1.44 31.30
C GLU B 24 -9.05 0.67 30.51
N GLY B 25 -8.94 0.70 29.18
CA GLY B 25 -9.88 0.02 28.30
C GLY B 25 -9.89 -1.49 28.50
N LEU B 26 -8.70 -2.08 28.55
CA LEU B 26 -8.56 -3.52 28.75
C LEU B 26 -9.02 -3.92 30.16
N HIS B 27 -8.75 -3.07 31.15
CA HIS B 27 -9.17 -3.29 32.53
C HIS B 27 -10.70 -3.36 32.65
N ALA B 28 -11.39 -2.49 31.92
CA ALA B 28 -12.86 -2.45 31.94
C ALA B 28 -13.49 -3.68 31.28
N GLU B 29 -12.68 -4.45 30.54
CA GLU B 29 -13.14 -5.68 29.90
C GLU B 29 -12.85 -6.89 30.80
N GLY B 30 -12.19 -6.64 31.94
CA GLY B 30 -11.93 -7.71 32.89
C GLY B 30 -10.49 -8.18 32.97
N TYR B 31 -9.61 -7.54 32.22
CA TYR B 31 -8.20 -7.91 32.16
C TYR B 31 -7.40 -7.43 33.36
N ALA B 32 -6.45 -8.25 33.79
CA ALA B 32 -5.48 -7.83 34.79
C ALA B 32 -4.41 -7.16 33.94
N VAL B 33 -3.86 -6.03 34.40
CA VAL B 33 -2.93 -5.25 33.57
C VAL B 33 -1.55 -4.94 34.17
N CYS B 34 -0.50 -5.32 33.45
CA CYS B 34 0.87 -5.01 33.83
C CYS B 34 1.21 -3.71 33.12
N LEU B 35 1.29 -2.64 33.90
CA LEU B 35 1.57 -1.29 33.37
C LEU B 35 3.06 -1.06 33.34
N HIS B 36 3.64 -0.93 32.14
CA HIS B 36 5.07 -0.68 32.02
C HIS B 36 5.27 0.81 31.94
N TYR B 37 6.42 1.27 32.44
CA TYR B 37 6.81 2.68 32.41
C TYR B 37 8.33 2.80 32.38
N HIS B 38 8.81 3.96 31.93
CA HIS B 38 10.24 4.24 31.90
C HIS B 38 10.57 5.33 32.94
N ARG B 39 10.24 6.59 32.65
CA ARG B 39 10.44 7.69 33.60
C ARG B 39 9.18 8.18 34.35
N SER B 40 7.98 7.77 33.94
CA SER B 40 6.74 8.20 34.59
C SER B 40 6.27 7.30 35.75
N ALA B 41 7.11 7.21 36.78
CA ALA B 41 6.82 6.38 37.95
C ALA B 41 5.58 6.83 38.75
N ALA B 42 5.50 8.13 39.02
CA ALA B 42 4.39 8.69 39.78
C ALA B 42 3.04 8.43 39.13
N GLU B 43 2.92 8.76 37.83
CA GLU B 43 1.69 8.59 37.06
C GLU B 43 1.30 7.12 36.92
N ALA B 44 2.30 6.25 36.78
CA ALA B 44 2.06 4.82 36.64
C ALA B 44 1.49 4.25 37.93
N ASN B 45 2.10 4.64 39.06
CA ASN B 45 1.67 4.18 40.39
C ASN B 45 0.28 4.70 40.77
N ALA B 46 -0.04 5.90 40.32
CA ALA B 46 -1.35 6.50 40.55
C ALA B 46 -2.42 5.73 39.76
N LEU B 47 -2.05 5.28 38.55
CA LEU B 47 -2.96 4.50 37.71
C LEU B 47 -3.20 3.11 38.29
N SER B 48 -2.13 2.48 38.81
CA SER B 48 -2.22 1.16 39.43
C SER B 48 -3.18 1.23 40.63
N ALA B 49 -3.03 2.27 41.45
CA ALA B 49 -3.88 2.49 42.62
C ALA B 49 -5.37 2.53 42.24
N THR B 50 -5.71 3.31 41.21
CA THR B 50 -7.09 3.44 40.77
C THR B 50 -7.67 2.10 40.32
N LEU B 51 -6.90 1.37 39.51
CA LEU B 51 -7.33 0.08 38.98
C LEU B 51 -7.44 -0.96 40.08
N ASN B 52 -6.44 -0.99 40.97
CA ASN B 52 -6.45 -1.92 42.08
C ASN B 52 -7.57 -1.60 43.09
N ALA B 53 -8.02 -0.35 43.12
CA ALA B 53 -9.09 0.06 44.02
C ALA B 53 -10.42 -0.43 43.44
N ARG B 54 -10.51 -0.40 42.12
CA ARG B 54 -11.71 -0.83 41.40
C ARG B 54 -11.86 -2.35 41.44
N ARG B 55 -10.74 -3.04 41.42
CA ARG B 55 -10.71 -4.51 41.42
C ARG B 55 -9.39 -4.94 42.05
N PRO B 56 -9.42 -5.46 43.28
CA PRO B 56 -8.20 -5.90 43.96
C PRO B 56 -7.32 -6.82 43.12
N ASN B 57 -6.00 -6.58 43.16
CA ASN B 57 -4.99 -7.35 42.43
C ASN B 57 -5.17 -7.40 40.91
N SER B 58 -5.57 -6.28 40.31
CA SER B 58 -5.79 -6.22 38.87
C SER B 58 -4.77 -5.34 38.14
N ALA B 59 -3.70 -4.95 38.84
CA ALA B 59 -2.67 -4.09 38.27
C ALA B 59 -1.33 -4.14 39.00
N ILE B 60 -0.24 -4.12 38.23
CA ILE B 60 1.12 -4.05 38.77
C ILE B 60 1.92 -3.13 37.86
N THR B 61 3.16 -2.82 38.23
CA THR B 61 4.04 -1.94 37.43
C THR B 61 5.48 -2.44 37.32
N VAL B 62 6.05 -2.33 36.13
CA VAL B 62 7.46 -2.71 35.89
C VAL B 62 8.17 -1.61 35.15
N GLN B 63 9.32 -1.22 35.67
CA GLN B 63 10.10 -0.16 35.09
C GLN B 63 11.11 -0.73 34.12
N ALA B 64 11.29 -0.06 32.98
CA ALA B 64 12.27 -0.51 31.99
C ALA B 64 12.58 0.49 30.89
N ASP B 65 13.87 0.58 30.58
CA ASP B 65 14.33 1.36 29.47
C ASP B 65 14.35 0.41 28.29
N LEU B 66 13.52 0.73 27.29
CA LEU B 66 13.38 -0.07 26.08
C LEU B 66 14.31 0.39 24.96
N SER B 67 15.20 1.30 25.30
CA SER B 67 16.20 1.76 24.34
C SER B 67 17.18 0.60 24.07
N ASN B 68 17.69 0.52 22.84
CA ASN B 68 18.64 -0.53 22.44
C ASN B 68 20.06 -0.32 23.04
N VAL B 69 20.15 -0.38 24.36
CA VAL B 69 21.41 -0.22 25.09
C VAL B 69 21.45 -1.16 26.27
N ALA B 70 22.65 -1.50 26.72
CA ALA B 70 22.83 -2.31 27.91
C ALA B 70 22.73 -1.38 29.13
N THR B 71 22.19 -1.88 30.24
CA THR B 71 22.11 -1.07 31.46
C THR B 71 23.04 -1.62 32.54
N ALA B 72 23.04 -1.00 33.71
CA ALA B 72 23.88 -1.43 34.83
C ALA B 72 23.07 -2.36 35.75
N PRO B 73 23.55 -3.59 35.94
CA PRO B 73 22.87 -4.60 36.80
C PRO B 73 22.61 -4.16 38.25
N VAL B 74 22.02 -5.04 39.07
CA VAL B 74 21.69 -4.79 40.49
C VAL B 74 21.04 -3.41 40.76
N ALA B 81 28.73 -7.40 34.72
CA ALA B 81 28.08 -7.86 33.50
C ALA B 81 26.81 -7.03 33.30
N PRO B 82 26.75 -6.25 32.21
CA PRO B 82 25.58 -5.39 31.96
C PRO B 82 24.35 -6.18 31.52
N VAL B 83 23.18 -5.55 31.57
CA VAL B 83 21.93 -6.19 31.18
C VAL B 83 21.53 -5.70 29.79
N THR B 84 21.35 -6.63 28.85
CA THR B 84 20.95 -6.27 27.47
C THR B 84 19.46 -5.93 27.34
N LEU B 85 19.09 -5.32 26.21
CA LEU B 85 17.69 -4.99 25.93
C LEU B 85 16.80 -6.26 25.92
N PHE B 86 17.30 -7.33 25.33
CA PHE B 86 16.57 -8.59 25.25
C PHE B 86 16.19 -9.12 26.63
N THR B 87 17.15 -9.17 27.54
CA THR B 87 16.91 -9.63 28.89
C THR B 87 15.83 -8.78 29.57
N ARG B 88 15.96 -7.46 29.44
CA ARG B 88 15.01 -6.52 30.00
C ARG B 88 13.60 -6.75 29.48
N CYS B 89 13.50 -7.16 28.21
CA CYS B 89 12.23 -7.46 27.57
C CYS B 89 11.65 -8.77 28.07
N ALA B 90 12.51 -9.78 28.22
CA ALA B 90 12.04 -11.07 28.74
C ALA B 90 11.49 -10.86 30.16
N GLU B 91 12.20 -10.06 30.95
CA GLU B 91 11.77 -9.75 32.32
C GLU B 91 10.38 -9.11 32.39
N LEU B 92 10.02 -8.31 31.39
CA LEU B 92 8.68 -7.71 31.34
C LEU B 92 7.59 -8.77 31.16
N VAL B 93 7.83 -9.73 30.27
CA VAL B 93 6.86 -10.80 30.03
C VAL B 93 6.83 -11.69 31.26
N ALA B 94 8.02 -11.99 31.81
CA ALA B 94 8.13 -12.86 32.99
C ALA B 94 7.33 -12.34 34.17
N ALA B 95 7.36 -11.04 34.40
CA ALA B 95 6.62 -10.41 35.49
C ALA B 95 5.11 -10.71 35.45
N CYS B 96 4.59 -10.98 34.24
CA CYS B 96 3.18 -11.31 34.04
C CYS B 96 2.94 -12.74 34.47
N TYR B 97 3.86 -13.63 34.10
CA TYR B 97 3.73 -15.03 34.45
C TYR B 97 3.97 -15.29 35.95
N THR B 98 4.95 -14.59 36.53
CA THR B 98 5.24 -14.69 37.95
C THR B 98 4.04 -14.25 38.82
N HIS B 99 3.44 -13.11 38.49
CA HIS B 99 2.36 -12.58 39.30
C HIS B 99 0.99 -13.21 39.08
N TRP B 100 0.67 -13.50 37.81
CA TRP B 100 -0.66 -14.04 37.50
C TRP B 100 -0.66 -15.40 36.78
N GLY B 101 0.52 -15.94 36.46
CA GLY B 101 0.63 -17.22 35.77
C GLY B 101 0.27 -17.21 34.28
N ARG B 102 0.03 -16.02 33.71
CA ARG B 102 -0.35 -15.92 32.29
C ARG B 102 -0.13 -14.54 31.66
N CYS B 103 -0.09 -14.52 30.33
CA CYS B 103 0.03 -13.28 29.55
C CYS B 103 -0.73 -13.50 28.25
N ASP B 104 -1.89 -12.85 28.11
CA ASP B 104 -2.74 -13.04 26.94
C ASP B 104 -2.63 -11.95 25.88
N VAL B 105 -2.39 -10.73 26.31
CA VAL B 105 -2.32 -9.60 25.39
C VAL B 105 -1.04 -8.82 25.57
N LEU B 106 -0.44 -8.41 24.44
CA LEU B 106 0.74 -7.54 24.44
C LEU B 106 0.43 -6.32 23.60
N VAL B 107 0.68 -5.14 24.14
CA VAL B 107 0.47 -3.90 23.40
C VAL B 107 1.75 -3.10 23.38
N ASN B 108 2.41 -3.08 22.23
CA ASN B 108 3.63 -2.33 22.07
C ASN B 108 3.22 -0.87 21.81
N ASN B 109 3.13 -0.09 22.88
CA ASN B 109 2.75 1.31 22.77
C ASN B 109 3.88 2.31 23.04
N ALA B 110 4.82 1.93 23.91
CA ALA B 110 5.94 2.80 24.26
C ALA B 110 6.65 3.31 23.00
N SER B 111 6.99 4.61 22.99
CA SER B 111 7.58 5.21 21.80
C SER B 111 8.24 6.59 21.96
N SER B 112 9.52 6.73 21.61
CA SER B 112 10.13 8.05 21.63
C SER B 112 9.82 8.71 20.29
N PHE B 113 9.70 10.04 20.29
CA PHE B 113 9.33 10.78 19.11
C PHE B 113 9.93 12.20 19.11
N TYR B 114 11.04 12.36 18.41
CA TYR B 114 11.68 13.67 18.27
C TYR B 114 12.47 13.70 16.95
N PRO B 115 12.78 14.88 16.43
CA PRO B 115 13.49 15.01 15.15
C PRO B 115 14.91 14.48 15.07
N THR B 116 15.28 13.93 13.91
CA THR B 116 16.64 13.53 13.59
C THR B 116 16.84 14.01 12.17
N PRO B 117 17.17 15.29 12.02
CA PRO B 117 17.26 15.92 10.68
C PRO B 117 18.40 15.38 9.85
N LEU B 118 18.23 15.46 8.53
CA LEU B 118 19.27 15.04 7.58
C LEU B 118 20.18 16.19 7.20
N LEU B 119 19.64 17.39 7.23
CA LEU B 119 20.38 18.59 6.78
C LEU B 119 20.65 19.69 7.81
N ARG B 120 20.52 20.93 7.31
CA ARG B 120 20.65 22.19 8.05
C ARG B 120 21.47 22.11 9.33
N ASN B 121 22.56 21.33 9.26
CA ASN B 121 23.47 21.13 10.39
C ASN B 121 24.85 20.57 9.98
N ARG B 133 27.08 13.60 17.18
CA ARG B 133 28.02 13.47 18.28
C ARG B 133 27.45 12.47 19.28
N GLU B 134 27.14 12.95 20.48
CA GLU B 134 26.51 12.12 21.49
C GLU B 134 25.05 12.01 21.08
N ALA B 135 24.51 13.11 20.54
CA ALA B 135 23.13 13.18 20.05
C ALA B 135 22.87 12.12 18.97
N MET B 136 23.66 12.16 17.90
CA MET B 136 23.50 11.20 16.81
C MET B 136 23.92 9.76 17.17
N GLU B 137 23.88 9.43 18.45
CA GLU B 137 24.25 8.08 18.86
C GLU B 137 23.11 7.47 19.65
N THR B 138 22.79 8.14 20.75
CA THR B 138 21.75 7.71 21.68
C THR B 138 20.35 7.82 21.07
N ALA B 139 20.18 8.70 20.08
CA ALA B 139 18.90 8.89 19.40
C ALA B 139 18.50 7.65 18.61
N THR B 140 19.46 7.08 17.88
CA THR B 140 19.25 5.90 17.08
C THR B 140 18.77 4.75 17.93
N ALA B 141 19.53 4.42 18.96
CA ALA B 141 19.15 3.31 19.84
C ALA B 141 17.83 3.55 20.61
N ASP B 142 17.57 4.81 20.99
CA ASP B 142 16.36 5.16 21.72
C ASP B 142 15.12 5.04 20.83
N LEU B 143 15.17 5.72 19.69
CA LEU B 143 14.07 5.68 18.74
C LEU B 143 13.86 4.28 18.15
N PHE B 144 14.93 3.64 17.70
CA PHE B 144 14.83 2.33 17.08
C PHE B 144 14.52 1.19 18.04
N GLY B 145 15.02 1.29 19.27
CA GLY B 145 14.77 0.31 20.31
C GLY B 145 13.33 0.33 20.78
N SER B 146 12.88 1.51 21.23
CA SER B 146 11.52 1.70 21.73
C SER B 146 10.45 1.39 20.71
N ASN B 147 10.63 1.88 19.49
CA ASN B 147 9.65 1.69 18.43
C ASN B 147 9.73 0.40 17.63
N ALA B 148 10.83 -0.36 17.73
CA ALA B 148 11.01 -1.56 16.89
C ALA B 148 11.75 -2.77 17.49
N ILE B 149 12.98 -2.54 17.97
CA ILE B 149 13.81 -3.59 18.55
C ILE B 149 13.15 -4.16 19.81
N ALA B 150 12.71 -3.30 20.73
CA ALA B 150 12.04 -3.83 21.94
C ALA B 150 10.79 -4.63 21.57
N PRO B 151 9.87 -4.07 20.76
CA PRO B 151 8.67 -4.81 20.31
C PRO B 151 9.03 -6.17 19.75
N TYR B 152 10.12 -6.26 18.98
CA TYR B 152 10.55 -7.54 18.41
C TYR B 152 10.86 -8.55 19.51
N PHE B 153 11.72 -8.16 20.46
CA PHE B 153 12.11 -9.02 21.57
C PHE B 153 10.94 -9.40 22.46
N LEU B 154 10.05 -8.44 22.70
CA LEU B 154 8.88 -8.66 23.52
C LEU B 154 8.01 -9.73 22.89
N ILE B 155 7.79 -9.62 21.58
CA ILE B 155 6.98 -10.59 20.85
C ILE B 155 7.65 -11.96 20.94
N LYS B 156 8.95 -12.00 20.72
CA LYS B 156 9.68 -13.25 20.79
C LYS B 156 9.49 -13.91 22.16
N ALA B 157 9.67 -13.13 23.23
CA ALA B 157 9.49 -13.61 24.59
C ALA B 157 8.05 -14.09 24.82
N PHE B 158 7.08 -13.30 24.35
CA PHE B 158 5.66 -13.63 24.50
C PHE B 158 5.36 -14.97 23.82
N ALA B 159 5.90 -15.14 22.62
CA ALA B 159 5.71 -16.36 21.83
C ALA B 159 6.34 -17.62 22.44
N HIS B 160 7.56 -17.54 22.98
CA HIS B 160 8.17 -18.72 23.63
C HIS B 160 7.33 -19.10 24.83
N ARG B 161 6.72 -18.10 25.45
CA ARG B 161 5.97 -18.32 26.66
C ARG B 161 4.69 -19.11 26.40
N VAL B 162 4.04 -18.76 25.30
CA VAL B 162 2.85 -19.46 24.87
C VAL B 162 3.25 -20.87 24.42
N ALA B 163 4.32 -20.96 23.62
CA ALA B 163 4.84 -22.23 23.10
C ALA B 163 5.25 -23.19 24.20
N GLY B 164 5.83 -22.67 25.28
CA GLY B 164 6.26 -23.48 26.40
C GLY B 164 5.14 -23.96 27.31
N THR B 165 3.97 -23.33 27.21
CA THR B 165 2.78 -23.70 27.97
C THR B 165 2.10 -24.90 27.32
N PRO B 166 1.86 -25.99 28.07
CA PRO B 166 1.16 -27.16 27.53
C PRO B 166 -0.18 -26.74 26.92
N ALA B 167 -0.48 -27.24 25.73
CA ALA B 167 -1.71 -26.89 25.00
C ALA B 167 -2.97 -26.80 25.86
N LYS B 168 -3.13 -27.75 26.78
CA LYS B 168 -4.27 -27.83 27.68
C LYS B 168 -4.38 -26.64 28.64
N HIS B 169 -3.27 -25.94 28.86
CA HIS B 169 -3.20 -24.79 29.77
C HIS B 169 -3.17 -23.43 29.10
N ARG B 170 -3.21 -23.42 27.77
CA ARG B 170 -3.17 -22.18 27.01
C ARG B 170 -4.47 -21.38 27.07
N GLY B 171 -4.34 -20.06 26.98
CA GLY B 171 -5.49 -19.18 26.91
C GLY B 171 -6.12 -19.38 25.54
N THR B 172 -7.32 -18.82 25.34
CA THR B 172 -8.06 -19.01 24.09
C THR B 172 -8.13 -17.77 23.19
N ASN B 173 -7.48 -16.69 23.61
CA ASN B 173 -7.51 -15.44 22.85
C ASN B 173 -6.21 -14.62 22.95
N TYR B 174 -5.12 -15.15 22.40
CA TYR B 174 -3.83 -14.45 22.37
C TYR B 174 -3.82 -13.33 21.33
N SER B 175 -3.43 -12.12 21.75
CA SER B 175 -3.50 -10.97 20.87
C SER B 175 -2.42 -9.93 21.13
N ILE B 176 -1.68 -9.58 20.08
CA ILE B 176 -0.61 -8.57 20.12
C ILE B 176 -0.97 -7.40 19.23
N ILE B 177 -0.92 -6.21 19.80
CA ILE B 177 -1.22 -4.99 19.06
C ILE B 177 0.01 -4.12 19.09
N ASN B 178 0.39 -3.65 17.90
CA ASN B 178 1.53 -2.76 17.72
C ASN B 178 1.01 -1.38 17.40
N MET B 179 1.45 -0.37 18.14
CA MET B 179 1.01 1.00 17.86
C MET B 179 1.88 1.57 16.76
N VAL B 180 1.29 1.74 15.58
CA VAL B 180 2.02 2.26 14.43
C VAL B 180 1.66 3.72 14.16
N ASP B 181 1.67 4.13 12.89
CA ASP B 181 1.41 5.51 12.53
C ASP B 181 0.70 5.58 11.19
N ALA B 182 -0.48 6.17 11.18
CA ALA B 182 -1.25 6.31 9.93
C ALA B 182 -0.60 7.21 8.86
N MET B 183 0.25 8.12 9.31
CA MET B 183 0.84 9.15 8.45
C MET B 183 2.26 8.93 7.94
N THR B 184 2.88 7.79 8.28
CA THR B 184 4.28 7.56 7.87
C THR B 184 4.51 7.42 6.36
N ASN B 185 3.44 7.17 5.59
CA ASN B 185 3.51 7.12 4.11
C ASN B 185 3.61 8.52 3.53
N GLN B 186 3.35 9.52 4.37
CA GLN B 186 3.46 10.94 4.09
C GLN B 186 4.30 11.51 5.26
N PRO B 187 5.61 11.20 5.26
CA PRO B 187 6.49 11.48 6.41
C PRO B 187 6.53 12.91 6.92
N LEU B 188 6.73 13.01 8.23
CA LEU B 188 6.85 14.27 8.89
C LEU B 188 8.27 14.73 8.65
N LEU B 189 8.44 15.92 8.06
CA LEU B 189 9.78 16.44 7.76
C LEU B 189 10.72 16.48 8.97
N GLY B 190 11.87 15.81 8.83
CA GLY B 190 12.90 15.78 9.84
C GLY B 190 12.82 14.66 10.87
N TYR B 191 11.88 13.74 10.70
CA TYR B 191 11.67 12.66 11.66
C TYR B 191 12.07 11.27 11.12
N THR B 192 13.13 11.26 10.30
CA THR B 192 13.60 10.06 9.61
C THR B 192 13.76 8.73 10.42
N ILE B 193 14.49 8.76 11.53
CA ILE B 193 14.67 7.56 12.34
C ILE B 193 13.33 7.05 12.90
N TYR B 194 12.52 7.98 13.41
CA TYR B 194 11.19 7.65 13.91
C TYR B 194 10.36 6.96 12.81
N THR B 195 10.34 7.56 11.63
CA THR B 195 9.58 7.04 10.50
C THR B 195 10.13 5.68 10.10
N MET B 196 11.46 5.57 10.10
CA MET B 196 12.09 4.31 9.75
C MET B 196 11.71 3.26 10.77
N ALA B 197 11.64 3.65 12.04
CA ALA B 197 11.31 2.72 13.11
C ALA B 197 9.88 2.21 12.98
N LYS B 198 8.97 3.10 12.57
CA LYS B 198 7.57 2.72 12.42
C LYS B 198 7.38 1.74 11.26
N GLY B 199 8.17 1.93 10.21
CA GLY B 199 8.15 1.06 9.04
C GLY B 199 8.64 -0.34 9.41
N ALA B 200 9.60 -0.40 10.32
CA ALA B 200 10.10 -1.66 10.84
C ALA B 200 9.01 -2.36 11.67
N LEU B 201 8.26 -1.57 12.42
CA LEU B 201 7.19 -2.09 13.26
C LEU B 201 6.04 -2.69 12.42
N GLU B 202 5.70 -2.03 11.32
CA GLU B 202 4.67 -2.55 10.41
C GLU B 202 5.14 -3.91 9.88
N GLY B 203 6.44 -3.97 9.54
CA GLY B 203 7.08 -5.16 9.03
C GLY B 203 6.98 -6.28 10.05
N LEU B 204 7.23 -5.94 11.32
CA LEU B 204 7.14 -6.91 12.40
C LEU B 204 5.73 -7.46 12.53
N THR B 205 4.73 -6.60 12.40
CA THR B 205 3.33 -6.99 12.47
C THR B 205 2.96 -8.07 11.43
N ARG B 206 3.46 -7.93 10.21
CA ARG B 206 3.15 -8.89 9.17
C ARG B 206 3.93 -10.19 9.37
N SER B 207 5.21 -10.08 9.70
CA SER B 207 6.08 -11.25 9.86
C SER B 207 5.62 -12.11 11.05
N ALA B 208 5.36 -11.44 12.18
CA ALA B 208 4.92 -12.15 13.37
C ALA B 208 3.54 -12.77 13.14
N ALA B 209 2.63 -12.04 12.51
CA ALA B 209 1.31 -12.61 12.27
C ALA B 209 1.41 -13.96 11.58
N LEU B 210 2.22 -14.01 10.53
CA LEU B 210 2.39 -15.22 9.74
C LEU B 210 3.05 -16.36 10.50
N GLU B 211 4.12 -16.05 11.22
CA GLU B 211 4.86 -17.09 11.95
C GLU B 211 4.13 -17.62 13.19
N LEU B 212 3.34 -16.75 13.85
CA LEU B 212 2.67 -17.14 15.07
C LEU B 212 1.25 -17.64 14.89
N ALA B 213 0.81 -17.66 13.63
CA ALA B 213 -0.52 -18.11 13.27
C ALA B 213 -0.81 -19.53 13.77
N PRO B 214 0.11 -20.48 13.60
CA PRO B 214 -0.12 -21.85 14.11
C PRO B 214 -0.41 -21.93 15.62
N LEU B 215 0.05 -20.96 16.40
CA LEU B 215 -0.22 -20.92 17.85
C LEU B 215 -1.44 -20.08 18.17
N GLN B 216 -2.17 -19.66 17.13
CA GLN B 216 -3.37 -18.85 17.29
C GLN B 216 -3.12 -17.47 17.94
N ILE B 217 -1.89 -16.98 17.79
CA ILE B 217 -1.52 -15.67 18.28
C ILE B 217 -1.72 -14.69 17.13
N ARG B 218 -2.65 -13.76 17.30
CA ARG B 218 -2.92 -12.73 16.30
C ARG B 218 -2.03 -11.51 16.53
N VAL B 219 -1.52 -10.93 15.44
CA VAL B 219 -0.70 -9.74 15.54
C VAL B 219 -1.23 -8.69 14.58
N ASN B 220 -1.66 -7.57 15.13
CA ASN B 220 -2.22 -6.48 14.34
C ASN B 220 -1.63 -5.12 14.67
N GLY B 221 -1.98 -4.11 13.87
CA GLY B 221 -1.49 -2.76 14.10
C GLY B 221 -2.60 -1.74 14.17
N VAL B 222 -2.43 -0.73 15.03
CA VAL B 222 -3.37 0.38 15.14
C VAL B 222 -2.55 1.63 14.88
N GLY B 223 -2.97 2.42 13.90
CA GLY B 223 -2.22 3.60 13.51
C GLY B 223 -2.95 4.91 13.66
N PRO B 224 -2.65 5.63 14.75
CA PRO B 224 -3.22 6.96 14.98
C PRO B 224 -2.67 8.00 14.02
N GLY B 225 -3.45 9.07 13.80
CA GLY B 225 -3.04 10.17 12.95
C GLY B 225 -2.59 11.28 13.87
N LEU B 226 -3.56 12.02 14.39
CA LEU B 226 -3.31 13.06 15.38
C LEU B 226 -4.22 12.79 16.57
N SER B 227 -3.62 12.38 17.70
CA SER B 227 -4.36 12.10 18.93
C SER B 227 -3.74 12.85 20.10
N VAL B 228 -4.54 13.67 20.80
CA VAL B 228 -4.08 14.47 21.95
C VAL B 228 -2.82 15.25 21.59
N LEU B 229 -2.93 16.09 20.56
CA LEU B 229 -1.80 16.89 20.06
C LEU B 229 -1.21 17.80 21.12
N VAL B 230 0.12 17.80 21.21
CA VAL B 230 0.85 18.66 22.15
C VAL B 230 0.77 20.11 21.66
N ASP B 231 0.55 21.04 22.60
CA ASP B 231 0.45 22.47 22.28
C ASP B 231 1.57 23.38 22.84
N ASP B 232 2.82 22.97 22.63
CA ASP B 232 3.97 23.82 22.99
C ASP B 232 4.34 24.58 21.72
N MET B 233 3.45 25.50 21.35
CA MET B 233 3.57 26.30 20.14
C MET B 233 2.45 27.35 20.17
N PRO B 234 2.47 28.37 19.31
CA PRO B 234 1.37 29.35 19.27
C PRO B 234 -0.01 28.70 19.02
N PRO B 235 -1.08 29.23 19.61
CA PRO B 235 -2.42 28.69 19.40
C PRO B 235 -2.74 28.44 17.91
N ALA B 236 -2.49 29.45 17.07
CA ALA B 236 -2.71 29.35 15.62
C ALA B 236 -2.03 28.13 14.98
N VAL B 237 -0.76 27.91 15.29
CA VAL B 237 -0.03 26.77 14.73
C VAL B 237 -0.68 25.45 15.17
N TRP B 238 -1.14 25.40 16.42
CA TRP B 238 -1.80 24.21 16.97
C TRP B 238 -3.15 23.98 16.27
N GLU B 239 -3.92 25.07 16.12
CA GLU B 239 -5.20 25.05 15.41
C GLU B 239 -4.99 24.64 13.94
N GLY B 240 -3.99 25.24 13.28
CA GLY B 240 -3.66 24.91 11.89
C GLY B 240 -3.61 23.41 11.69
N HIS B 241 -2.74 22.75 12.45
CA HIS B 241 -2.57 21.29 12.38
C HIS B 241 -3.90 20.54 12.63
N ARG B 242 -4.71 21.03 13.56
CA ARG B 242 -5.98 20.41 13.85
C ARG B 242 -7.02 20.61 12.77
N SER B 243 -7.02 21.77 12.13
CA SER B 243 -8.02 22.04 11.11
C SER B 243 -7.72 21.38 9.76
N LYS B 244 -6.76 20.47 9.73
CA LYS B 244 -6.42 19.75 8.51
C LYS B 244 -7.05 18.36 8.47
N VAL B 245 -7.39 17.82 9.65
CA VAL B 245 -8.09 16.54 9.79
C VAL B 245 -9.47 16.74 9.19
N PRO B 246 -9.85 15.97 8.16
CA PRO B 246 -11.15 16.17 7.50
C PRO B 246 -12.39 15.90 8.37
N LEU B 247 -12.41 14.80 9.13
CA LEU B 247 -13.54 14.45 9.99
C LEU B 247 -13.42 15.10 11.39
N TYR B 248 -14.25 16.12 11.63
CA TYR B 248 -14.30 16.91 12.88
C TYR B 248 -13.31 18.08 12.95
N GLN B 249 -12.29 18.08 12.09
CA GLN B 249 -11.27 19.17 12.09
C GLN B 249 -10.58 19.30 13.45
N ARG B 250 -10.25 18.15 14.02
CA ARG B 250 -9.61 18.07 15.34
C ARG B 250 -8.81 16.77 15.54
N ASP B 251 -7.94 16.78 16.54
CA ASP B 251 -7.19 15.60 16.93
C ASP B 251 -8.15 14.67 17.67
N SER B 252 -7.80 13.39 17.75
CA SER B 252 -8.68 12.46 18.44
C SER B 252 -8.49 12.45 19.96
N SER B 253 -9.46 11.87 20.64
CA SER B 253 -9.36 11.65 22.08
C SER B 253 -8.59 10.32 22.20
N ALA B 254 -8.08 10.01 23.38
CA ALA B 254 -7.36 8.77 23.61
C ALA B 254 -8.31 7.57 23.48
N ALA B 255 -9.56 7.76 23.89
CA ALA B 255 -10.56 6.70 23.83
C ALA B 255 -10.88 6.32 22.38
N GLU B 256 -10.97 7.32 21.51
CA GLU B 256 -11.25 7.11 20.08
C GLU B 256 -10.20 6.16 19.46
N VAL B 257 -9.02 6.10 20.06
CA VAL B 257 -7.98 5.19 19.58
C VAL B 257 -7.95 3.91 20.40
N SER B 258 -7.95 4.04 21.73
CA SER B 258 -7.92 2.85 22.61
C SER B 258 -9.08 1.88 22.41
N ASP B 259 -10.26 2.41 22.08
CA ASP B 259 -11.42 1.56 21.85
C ASP B 259 -11.23 0.58 20.68
N VAL B 260 -10.46 1.01 19.68
CA VAL B 260 -10.14 0.19 18.53
C VAL B 260 -9.20 -0.94 18.97
N VAL B 261 -8.19 -0.59 19.75
CA VAL B 261 -7.25 -1.57 20.27
C VAL B 261 -8.02 -2.65 21.05
N ILE B 262 -8.95 -2.20 21.91
CA ILE B 262 -9.76 -3.11 22.71
C ILE B 262 -10.58 -4.05 21.81
N PHE B 263 -11.19 -3.50 20.76
CA PHE B 263 -11.99 -4.36 19.87
C PHE B 263 -11.13 -5.41 19.16
N LEU B 264 -9.96 -5.01 18.67
CA LEU B 264 -9.06 -5.94 18.01
C LEU B 264 -8.60 -7.07 18.94
N CYS B 265 -8.68 -6.82 20.26
CA CYS B 265 -8.29 -7.83 21.26
C CYS B 265 -9.45 -8.76 21.59
N SER B 266 -10.68 -8.30 21.35
CA SER B 266 -11.88 -9.11 21.66
C SER B 266 -12.01 -10.36 20.78
N SER B 267 -12.62 -11.40 21.33
CA SER B 267 -12.81 -12.65 20.60
C SER B 267 -13.61 -12.44 19.32
N LYS B 268 -14.35 -11.34 19.26
CA LYS B 268 -15.11 -11.01 18.05
C LYS B 268 -14.20 -10.72 16.84
N ALA B 269 -12.95 -10.34 17.10
CA ALA B 269 -11.99 -10.02 16.05
C ALA B 269 -11.00 -11.16 15.77
N LYS B 270 -11.35 -12.38 16.20
CA LYS B 270 -10.44 -13.54 16.09
C LYS B 270 -10.03 -13.98 14.67
N TYR B 271 -10.64 -13.37 13.65
CA TYR B 271 -10.23 -13.69 12.27
C TYR B 271 -9.29 -12.62 11.68
N ILE B 272 -9.13 -11.50 12.37
CA ILE B 272 -8.23 -10.46 11.91
C ILE B 272 -6.80 -10.72 12.38
N THR B 273 -5.85 -10.65 11.46
CA THR B 273 -4.43 -10.78 11.77
C THR B 273 -3.55 -10.25 10.65
N GLY B 274 -2.45 -9.61 11.02
CA GLY B 274 -1.52 -9.04 10.05
C GLY B 274 -1.97 -7.78 9.36
N THR B 275 -2.98 -7.11 9.91
CA THR B 275 -3.49 -5.89 9.28
C THR B 275 -3.31 -4.67 10.18
N CYS B 276 -3.17 -3.49 9.55
CA CYS B 276 -3.02 -2.21 10.24
C CYS B 276 -4.29 -1.39 10.05
N VAL B 277 -4.87 -0.94 11.15
CA VAL B 277 -6.10 -0.16 11.10
C VAL B 277 -5.81 1.29 11.40
N LYS B 278 -6.05 2.16 10.42
CA LYS B 278 -5.89 3.61 10.58
C LYS B 278 -7.02 4.18 11.43
N VAL B 279 -6.66 4.99 12.42
CA VAL B 279 -7.61 5.70 13.29
C VAL B 279 -7.14 7.15 13.19
N ASP B 280 -7.44 7.78 12.05
CA ASP B 280 -6.91 9.10 11.72
C ASP B 280 -7.91 10.14 11.21
N GLY B 281 -9.19 9.80 11.18
CA GLY B 281 -10.21 10.74 10.75
C GLY B 281 -10.01 11.28 9.35
N GLY B 282 -9.38 10.47 8.50
CA GLY B 282 -9.16 10.82 7.10
C GLY B 282 -7.97 11.68 6.79
N TYR B 283 -7.09 11.86 7.78
CA TYR B 283 -5.90 12.69 7.60
C TYR B 283 -5.03 12.18 6.46
N SER B 284 -4.83 10.85 6.39
CA SER B 284 -3.99 10.25 5.36
C SER B 284 -4.50 10.45 3.93
N LEU B 285 -5.76 10.85 3.80
CA LEU B 285 -6.35 11.12 2.48
C LEU B 285 -6.05 12.53 1.96
N THR B 286 -5.38 13.36 2.75
CA THR B 286 -5.09 14.74 2.35
C THR B 286 -3.78 14.90 1.55
N ARG B 287 -3.61 16.07 0.96
CA ARG B 287 -2.44 16.38 0.16
C ARG B 287 -2.19 17.86 0.35
N ALA B 288 -0.95 18.31 0.10
CA ALA B 288 -0.56 19.71 0.31
C ALA B 288 -1.20 20.62 -0.72
N VAL C 6 9.95 -4.27 -37.66
CA VAL C 6 9.52 -2.94 -37.13
C VAL C 6 8.27 -3.08 -36.25
N PRO C 7 8.44 -2.81 -34.95
CA PRO C 7 7.35 -2.97 -33.97
C PRO C 7 6.30 -1.86 -34.01
N VAL C 8 5.08 -2.21 -33.61
CA VAL C 8 3.95 -1.31 -33.65
C VAL C 8 3.41 -0.96 -32.27
N ALA C 9 3.03 0.30 -32.10
CA ALA C 9 2.45 0.78 -30.85
C ALA C 9 1.13 1.52 -31.09
N LEU C 10 0.11 1.15 -30.31
CA LEU C 10 -1.18 1.83 -30.35
C LEU C 10 -1.28 2.70 -29.09
N VAL C 11 -1.41 4.00 -29.29
CA VAL C 11 -1.53 4.96 -28.20
C VAL C 11 -2.88 5.64 -28.29
N THR C 12 -3.76 5.37 -27.33
CA THR C 12 -5.07 6.03 -27.29
C THR C 12 -4.93 7.45 -26.75
N GLY C 13 -5.75 8.36 -27.29
CA GLY C 13 -5.72 9.78 -26.93
C GLY C 13 -4.33 10.33 -27.16
N ALA C 14 -3.80 10.05 -28.36
CA ALA C 14 -2.43 10.40 -28.73
C ALA C 14 -2.25 11.78 -29.33
N ALA C 15 -3.34 12.48 -29.60
CA ALA C 15 -3.33 13.79 -30.28
C ALA C 15 -2.49 14.91 -29.65
N LYS C 16 -2.54 15.03 -28.32
CA LYS C 16 -1.79 16.09 -27.64
C LYS C 16 -1.27 15.73 -26.23
N ARG C 17 -0.59 16.69 -25.61
CA ARG C 17 -0.06 16.57 -24.26
C ARG C 17 0.73 15.28 -24.01
N LEU C 18 0.40 14.53 -22.95
CA LEU C 18 1.12 13.29 -22.64
C LEU C 18 1.02 12.24 -23.75
N GLY C 19 -0.19 12.02 -24.27
CA GLY C 19 -0.42 11.06 -25.33
C GLY C 19 0.48 11.29 -26.53
N ARG C 20 0.70 12.57 -26.84
CA ARG C 20 1.53 12.98 -27.96
C ARG C 20 2.99 12.69 -27.67
N SER C 21 3.45 13.11 -26.51
CA SER C 21 4.82 12.88 -26.04
C SER C 21 5.15 11.39 -25.98
N ILE C 22 4.18 10.56 -25.62
CA ILE C 22 4.38 9.11 -25.56
C ILE C 22 4.57 8.55 -26.99
N ALA C 23 3.71 8.98 -27.90
CA ALA C 23 3.76 8.57 -29.29
C ALA C 23 5.08 9.02 -29.92
N GLU C 24 5.50 10.25 -29.63
CA GLU C 24 6.75 10.78 -30.16
C GLU C 24 7.92 9.97 -29.61
N GLY C 25 7.84 9.62 -28.32
CA GLY C 25 8.87 8.86 -27.65
C GLY C 25 9.05 7.47 -28.24
N LEU C 26 7.93 6.79 -28.45
CA LEU C 26 7.97 5.44 -29.03
C LEU C 26 8.47 5.48 -30.48
N HIS C 27 8.06 6.52 -31.20
CA HIS C 27 8.49 6.72 -32.59
C HIS C 27 10.02 6.89 -32.69
N ALA C 28 10.61 7.63 -31.75
CA ALA C 28 12.06 7.84 -31.71
C ALA C 28 12.84 6.55 -31.41
N GLU C 29 12.15 5.53 -30.90
CA GLU C 29 12.80 4.25 -30.61
C GLU C 29 12.65 3.29 -31.80
N GLY C 30 11.97 3.75 -32.86
CA GLY C 30 11.79 2.96 -34.06
C GLY C 30 10.41 2.35 -34.28
N TYR C 31 9.48 2.64 -33.38
CA TYR C 31 8.12 2.11 -33.46
C TYR C 31 7.25 2.78 -34.51
N ALA C 32 6.40 1.98 -35.17
CA ALA C 32 5.39 2.54 -36.06
C ALA C 32 4.24 2.82 -35.08
N VAL C 33 3.58 3.97 -35.21
CA VAL C 33 2.57 4.36 -34.23
C VAL C 33 1.16 4.63 -34.75
N CYS C 34 0.18 3.95 -34.14
CA CYS C 34 -1.23 4.16 -34.46
C CYS C 34 -1.76 5.19 -33.45
N LEU C 35 -1.93 6.41 -33.92
CA LEU C 35 -2.39 7.52 -33.08
C LEU C 35 -3.89 7.56 -33.01
N HIS C 36 -4.43 7.30 -31.83
CA HIS C 36 -5.87 7.33 -31.64
C HIS C 36 -6.32 8.74 -31.24
N TYR C 37 -7.55 9.07 -31.58
CA TYR C 37 -8.13 10.34 -31.19
C TYR C 37 -9.65 10.27 -31.16
N HIS C 38 -10.26 11.21 -30.45
CA HIS C 38 -11.71 11.29 -30.36
C HIS C 38 -12.21 12.57 -31.06
N ARG C 39 -11.87 13.73 -30.49
CA ARG C 39 -12.29 15.01 -31.06
C ARG C 39 -11.14 15.71 -31.77
N SER C 40 -9.92 15.53 -31.28
CA SER C 40 -8.76 16.23 -31.82
C SER C 40 -8.24 15.74 -33.18
N ALA C 41 -9.08 15.79 -34.20
CA ALA C 41 -8.72 15.35 -35.55
C ALA C 41 -7.56 16.16 -36.20
N ALA C 42 -7.66 17.48 -36.13
CA ALA C 42 -6.64 18.35 -36.70
C ALA C 42 -5.27 18.10 -36.10
N GLU C 43 -5.23 18.06 -34.77
CA GLU C 43 -3.98 17.88 -34.04
C GLU C 43 -3.38 16.50 -34.32
N ALA C 44 -4.22 15.46 -34.32
CA ALA C 44 -3.77 14.10 -34.61
C ALA C 44 -3.16 13.98 -36.00
N ASN C 45 -3.83 14.55 -37.01
CA ASN C 45 -3.34 14.53 -38.39
C ASN C 45 -2.03 15.30 -38.58
N ALA C 46 -1.87 16.39 -37.85
CA ALA C 46 -0.64 17.19 -37.89
C ALA C 46 0.53 16.39 -37.31
N LEU C 47 0.24 15.60 -36.27
CA LEU C 47 1.26 14.78 -35.63
C LEU C 47 1.68 13.63 -36.55
N SER C 48 0.70 13.00 -37.21
CA SER C 48 0.96 11.94 -38.16
C SER C 48 1.86 12.43 -39.30
N ALA C 49 1.57 13.63 -39.80
CA ALA C 49 2.35 14.25 -40.88
C ALA C 49 3.82 14.38 -40.48
N THR C 50 4.07 14.89 -39.28
CA THR C 50 5.43 15.07 -38.78
C THR C 50 6.17 13.74 -38.69
N LEU C 51 5.51 12.73 -38.13
CA LEU C 51 6.12 11.43 -37.95
C LEU C 51 6.35 10.74 -39.30
N ASN C 52 5.34 10.81 -40.18
CA ASN C 52 5.46 10.24 -41.52
C ASN C 52 6.51 10.96 -42.38
N ALA C 53 6.76 12.22 -42.07
CA ALA C 53 7.79 12.99 -42.77
C ALA C 53 9.19 12.56 -42.36
N ARG C 54 9.39 12.26 -41.07
CA ARG C 54 10.69 11.79 -40.55
C ARG C 54 10.97 10.34 -40.96
N ARG C 55 9.90 9.54 -41.06
CA ARG C 55 10.03 8.15 -41.45
C ARG C 55 8.76 7.73 -42.18
N PRO C 56 8.86 7.53 -43.50
CA PRO C 56 7.70 7.14 -44.32
C PRO C 56 6.97 5.92 -43.77
N ASN C 57 5.64 5.96 -43.78
CA ASN C 57 4.77 4.89 -43.26
C ASN C 57 4.97 4.49 -41.80
N SER C 58 5.24 5.46 -40.94
CA SER C 58 5.46 5.18 -39.53
C SER C 58 4.31 5.68 -38.62
N ALA C 59 3.20 6.12 -39.21
CA ALA C 59 2.07 6.63 -38.45
C ALA C 59 0.74 6.62 -39.21
N ILE C 60 -0.33 6.29 -38.48
CA ILE C 60 -1.68 6.36 -39.02
C ILE C 60 -2.55 6.96 -37.91
N THR C 61 -3.79 7.35 -38.24
CA THR C 61 -4.72 7.89 -37.25
C THR C 61 -6.08 7.16 -37.29
N VAL C 62 -6.65 6.91 -36.12
CA VAL C 62 -7.96 6.23 -36.00
C VAL C 62 -8.83 6.96 -34.98
N GLN C 63 -10.06 7.24 -35.38
CA GLN C 63 -11.02 7.94 -34.56
C GLN C 63 -11.94 6.97 -33.82
N ALA C 64 -12.21 7.28 -32.54
CA ALA C 64 -13.10 6.45 -31.72
C ALA C 64 -13.52 7.09 -30.41
N ASP C 65 -14.81 6.91 -30.08
CA ASP C 65 -15.36 7.36 -28.81
C ASP C 65 -15.22 6.16 -27.88
N LEU C 66 -14.43 6.33 -26.82
CA LEU C 66 -14.15 5.24 -25.87
C LEU C 66 -15.11 5.23 -24.68
N SER C 67 -16.13 6.06 -24.79
CA SER C 67 -17.17 6.13 -23.80
C SER C 67 -18.00 4.85 -23.88
N ASN C 68 -18.48 4.35 -22.74
CA ASN C 68 -19.28 3.13 -22.66
C ASN C 68 -20.71 3.27 -23.22
N VAL C 69 -20.82 3.57 -24.51
CA VAL C 69 -22.11 3.73 -25.21
C VAL C 69 -22.03 3.18 -26.62
N ALA C 70 -23.18 3.05 -27.29
CA ALA C 70 -23.19 2.62 -28.68
C ALA C 70 -23.17 3.84 -29.62
N THR C 71 -22.66 3.64 -30.84
CA THR C 71 -22.59 4.70 -31.85
C THR C 71 -23.16 4.25 -33.21
N ALA C 72 -22.79 5.00 -34.27
CA ALA C 72 -23.18 4.78 -35.67
C ALA C 72 -24.40 3.87 -35.90
N ALA C 81 -27.54 -2.87 -35.99
CA ALA C 81 -27.16 -1.50 -36.34
C ALA C 81 -26.18 -0.80 -35.34
N PRO C 82 -26.59 -0.56 -34.08
CA PRO C 82 -25.74 0.16 -33.10
C PRO C 82 -24.45 -0.59 -32.75
N VAL C 83 -23.31 0.10 -32.90
CA VAL C 83 -21.97 -0.43 -32.65
C VAL C 83 -21.61 -0.27 -31.18
N THR C 84 -21.29 -1.38 -30.52
CA THR C 84 -20.92 -1.36 -29.09
C THR C 84 -19.48 -0.89 -28.84
N LEU C 85 -19.15 -0.59 -27.58
CA LEU C 85 -17.82 -0.12 -27.20
C LEU C 85 -16.78 -1.20 -27.48
N PHE C 86 -17.15 -2.45 -27.21
CA PHE C 86 -16.26 -3.59 -27.46
C PHE C 86 -15.82 -3.66 -28.91
N THR C 87 -16.78 -3.61 -29.83
CA THR C 87 -16.50 -3.64 -31.26
C THR C 87 -15.53 -2.51 -31.66
N ARG C 88 -15.83 -1.30 -31.19
CA ARG C 88 -15.00 -0.13 -31.47
C ARG C 88 -13.56 -0.33 -31.00
N CYS C 89 -13.41 -0.96 -29.84
CA CYS C 89 -12.11 -1.28 -29.29
C CYS C 89 -11.37 -2.32 -30.13
N ALA C 90 -12.06 -3.40 -30.53
CA ALA C 90 -11.46 -4.43 -31.39
C ALA C 90 -10.97 -3.81 -32.70
N GLU C 91 -11.76 -2.89 -33.26
CA GLU C 91 -11.40 -2.19 -34.50
C GLU C 91 -10.09 -1.41 -34.39
N LEU C 92 -9.82 -0.87 -33.21
CA LEU C 92 -8.59 -0.11 -32.94
C LEU C 92 -7.38 -1.02 -33.05
N VAL C 93 -7.48 -2.19 -32.43
CA VAL C 93 -6.40 -3.17 -32.47
C VAL C 93 -6.26 -3.74 -33.88
N ALA C 94 -7.38 -4.01 -34.54
CA ALA C 94 -7.41 -4.54 -35.91
C ALA C 94 -6.71 -3.64 -36.89
N ALA C 95 -6.90 -2.32 -36.75
CA ALA C 95 -6.29 -1.33 -37.64
C ALA C 95 -4.76 -1.45 -37.66
N CYS C 96 -4.19 -1.90 -36.55
CA CYS C 96 -2.75 -2.09 -36.43
C CYS C 96 -2.31 -3.31 -37.23
N TYR C 97 -3.09 -4.40 -37.11
CA TYR C 97 -2.81 -5.63 -37.82
C TYR C 97 -3.04 -5.50 -39.34
N THR C 98 -4.11 -4.81 -39.72
CA THR C 98 -4.41 -4.55 -41.12
C THR C 98 -3.31 -3.76 -41.82
N HIS C 99 -2.85 -2.68 -41.19
CA HIS C 99 -1.85 -1.83 -41.80
C HIS C 99 -0.42 -2.31 -41.73
N TRP C 100 -0.03 -2.91 -40.62
CA TRP C 100 1.36 -3.32 -40.42
C TRP C 100 1.55 -4.79 -40.08
N GLY C 101 0.47 -5.53 -39.89
CA GLY C 101 0.56 -6.95 -39.59
C GLY C 101 0.93 -7.31 -38.17
N ARG C 102 1.01 -6.31 -37.29
CA ARG C 102 1.37 -6.55 -35.89
C ARG C 102 0.97 -5.42 -34.93
N CYS C 103 0.97 -5.75 -33.64
CA CYS C 103 0.70 -4.77 -32.57
C CYS C 103 1.48 -5.23 -31.33
N ASP C 104 2.57 -4.54 -31.03
CA ASP C 104 3.45 -4.91 -29.93
C ASP C 104 3.23 -4.16 -28.61
N VAL C 105 2.81 -2.91 -28.72
CA VAL C 105 2.61 -2.08 -27.54
C VAL C 105 1.23 -1.41 -27.52
N LEU C 106 0.60 -1.45 -26.34
CA LEU C 106 -0.67 -0.76 -26.11
C LEU C 106 -0.50 0.21 -24.97
N VAL C 107 -0.89 1.46 -25.18
CA VAL C 107 -0.81 2.48 -24.14
C VAL C 107 -2.18 3.10 -23.94
N ASN C 108 -2.86 2.69 -22.87
CA ASN C 108 -4.17 3.23 -22.53
C ASN C 108 -3.96 4.57 -21.85
N ASN C 109 -3.99 5.64 -22.64
CA ASN C 109 -3.75 6.99 -22.16
C ASN C 109 -5.01 7.86 -22.20
N ALA C 110 -5.93 7.60 -23.11
CA ALA C 110 -7.14 8.41 -23.25
C ALA C 110 -7.93 8.46 -21.93
N SER C 111 -8.38 9.65 -21.57
CA SER C 111 -9.05 9.81 -20.30
C SER C 111 -9.88 11.09 -20.13
N SER C 112 -11.15 10.97 -19.76
CA SER C 112 -11.95 12.17 -19.44
C SER C 112 -11.70 12.48 -17.96
N PHE C 113 -11.71 13.77 -17.62
CA PHE C 113 -11.40 14.23 -16.27
C PHE C 113 -12.18 15.51 -15.91
N TYR C 114 -13.29 15.35 -15.18
CA TYR C 114 -14.11 16.47 -14.71
C TYR C 114 -14.87 16.04 -13.45
N PRO C 115 -15.39 17.00 -12.67
CA PRO C 115 -16.06 16.67 -11.41
C PRO C 115 -17.40 15.96 -11.51
N THR C 116 -17.67 15.09 -10.52
CA THR C 116 -18.96 14.44 -10.33
C THR C 116 -19.19 14.52 -8.82
N PRO C 117 -19.67 15.68 -8.35
CA PRO C 117 -19.83 15.90 -6.90
C PRO C 117 -20.89 15.00 -6.27
N LEU C 118 -20.66 14.58 -5.03
CA LEU C 118 -21.62 13.75 -4.31
C LEU C 118 -22.66 14.60 -3.58
N LEU C 119 -22.36 15.88 -3.41
CA LEU C 119 -23.26 16.83 -2.74
C LEU C 119 -23.53 18.06 -3.60
N ARG C 120 -24.80 18.47 -3.64
CA ARG C 120 -25.23 19.64 -4.39
C ARG C 120 -24.69 20.93 -3.77
N ARG C 133 -29.37 14.35 -13.84
CA ARG C 133 -30.26 13.28 -14.28
C ARG C 133 -29.51 12.36 -15.25
N GLU C 134 -29.63 12.64 -16.55
CA GLU C 134 -28.93 11.88 -17.58
C GLU C 134 -27.58 12.53 -17.91
N ALA C 135 -27.37 13.73 -17.36
CA ALA C 135 -26.12 14.47 -17.52
C ALA C 135 -25.01 13.74 -16.74
N MET C 136 -25.45 12.95 -15.74
CA MET C 136 -24.58 12.09 -14.94
C MET C 136 -24.52 10.71 -15.63
N GLU C 137 -25.59 10.35 -16.34
CA GLU C 137 -25.67 9.10 -17.08
C GLU C 137 -24.61 9.10 -18.19
N THR C 138 -24.41 10.26 -18.83
CA THR C 138 -23.35 10.37 -19.85
C THR C 138 -21.98 10.50 -19.20
N ALA C 139 -21.92 11.13 -18.02
CA ALA C 139 -20.67 11.29 -17.27
C ALA C 139 -20.12 9.93 -16.79
N THR C 140 -21.00 9.11 -16.24
CA THR C 140 -20.63 7.77 -15.77
C THR C 140 -20.00 6.94 -16.88
N ALA C 141 -20.71 6.81 -17.99
CA ALA C 141 -20.21 6.03 -19.13
C ALA C 141 -18.96 6.65 -19.79
N ASP C 142 -18.86 7.98 -19.79
CA ASP C 142 -17.71 8.65 -20.39
C ASP C 142 -16.44 8.46 -19.53
N LEU C 143 -16.56 8.75 -18.23
CA LEU C 143 -15.44 8.62 -17.31
C LEU C 143 -15.05 7.18 -17.09
N PHE C 144 -16.03 6.31 -16.88
CA PHE C 144 -15.75 4.89 -16.64
C PHE C 144 -15.30 4.12 -17.88
N GLY C 145 -15.81 4.51 -19.05
CA GLY C 145 -15.48 3.87 -20.30
C GLY C 145 -14.06 4.20 -20.72
N SER C 146 -13.78 5.49 -20.87
CA SER C 146 -12.46 5.97 -21.29
C SER C 146 -11.34 5.51 -20.35
N ASN C 147 -11.56 5.66 -19.04
CA ASN C 147 -10.55 5.31 -18.04
C ASN C 147 -10.47 3.84 -17.62
N ALA C 148 -11.49 3.02 -17.89
CA ALA C 148 -11.45 1.65 -17.40
C ALA C 148 -12.06 0.60 -18.30
N ILE C 149 -13.27 0.85 -18.79
CA ILE C 149 -13.94 -0.17 -19.59
C ILE C 149 -13.30 -0.35 -20.96
N ALA C 150 -12.99 0.75 -21.64
CA ALA C 150 -12.32 0.67 -22.93
C ALA C 150 -10.97 -0.04 -22.77
N PRO C 151 -10.12 0.41 -21.84
CA PRO C 151 -8.83 -0.27 -21.57
C PRO C 151 -9.01 -1.76 -21.41
N TYR C 152 -10.04 -2.19 -20.69
CA TYR C 152 -10.30 -3.62 -20.50
C TYR C 152 -10.50 -4.33 -21.83
N PHE C 153 -11.45 -3.86 -22.64
CA PHE C 153 -11.71 -4.40 -23.98
C PHE C 153 -10.50 -4.35 -24.92
N LEU C 154 -9.74 -3.26 -24.85
CA LEU C 154 -8.55 -3.10 -25.68
C LEU C 154 -7.54 -4.19 -25.33
N ILE C 155 -7.33 -4.41 -24.04
CA ILE C 155 -6.39 -5.43 -23.60
C ILE C 155 -6.86 -6.81 -24.08
N LYS C 156 -8.15 -7.06 -23.96
CA LYS C 156 -8.73 -8.32 -24.37
C LYS C 156 -8.48 -8.56 -25.86
N ALA C 157 -8.75 -7.53 -26.65
CA ALA C 157 -8.54 -7.60 -28.08
C ALA C 157 -7.06 -7.81 -28.38
N PHE C 158 -6.20 -7.05 -27.71
CA PHE C 158 -4.76 -7.16 -27.87
C PHE C 158 -4.28 -8.60 -27.57
N ALA C 159 -4.74 -9.15 -26.45
CA ALA C 159 -4.36 -10.50 -26.01
C ALA C 159 -4.88 -11.60 -26.92
N HIS C 160 -6.08 -11.40 -27.46
CA HIS C 160 -6.69 -12.32 -28.40
C HIS C 160 -5.81 -12.37 -29.66
N ARG C 161 -5.37 -11.21 -30.14
CA ARG C 161 -4.55 -11.17 -31.35
C ARG C 161 -3.19 -11.84 -31.18
N VAL C 162 -2.54 -11.66 -30.04
CA VAL C 162 -1.25 -12.29 -29.77
C VAL C 162 -1.45 -13.82 -29.69
N ALA C 163 -2.48 -14.24 -28.96
CA ALA C 163 -2.81 -15.65 -28.79
C ALA C 163 -3.09 -16.35 -30.13
N GLY C 164 -3.76 -15.64 -31.04
CA GLY C 164 -4.10 -16.16 -32.36
C GLY C 164 -2.92 -16.26 -33.32
N THR C 165 -1.86 -15.50 -33.05
CA THR C 165 -0.65 -15.51 -33.87
C THR C 165 0.17 -16.76 -33.54
N PRO C 166 0.56 -17.54 -34.55
CA PRO C 166 1.41 -18.72 -34.33
C PRO C 166 2.71 -18.32 -33.63
N ALA C 167 3.10 -19.09 -32.60
CA ALA C 167 4.29 -18.78 -31.78
C ALA C 167 5.52 -18.32 -32.55
N LYS C 168 5.86 -19.00 -33.63
CA LYS C 168 7.05 -18.63 -34.40
C LYS C 168 7.02 -17.20 -34.96
N HIS C 169 5.82 -16.65 -35.15
CA HIS C 169 5.64 -15.31 -35.73
C HIS C 169 5.45 -14.18 -34.73
N ARG C 170 5.28 -14.53 -33.46
CA ARG C 170 5.04 -13.54 -32.40
C ARG C 170 6.25 -12.62 -32.20
N GLY C 171 5.97 -11.39 -31.78
CA GLY C 171 7.01 -10.43 -31.46
C GLY C 171 7.71 -10.89 -30.18
N THR C 172 8.80 -10.23 -29.82
CA THR C 172 9.57 -10.66 -28.65
C THR C 172 9.47 -9.72 -27.43
N ASN C 173 8.68 -8.66 -27.57
CA ASN C 173 8.56 -7.66 -26.50
C ASN C 173 7.18 -7.00 -26.42
N TYR C 174 6.19 -7.78 -26.01
CA TYR C 174 4.81 -7.30 -25.86
C TYR C 174 4.68 -6.52 -24.56
N SER C 175 4.18 -5.30 -24.66
CA SER C 175 4.08 -4.44 -23.49
C SER C 175 2.83 -3.54 -23.48
N ILE C 176 2.07 -3.59 -22.38
CA ILE C 176 0.88 -2.75 -22.22
C ILE C 176 1.05 -1.79 -21.04
N ILE C 177 0.87 -0.50 -21.32
CA ILE C 177 0.99 0.53 -20.29
C ILE C 177 -0.33 1.20 -20.04
N ASN C 178 -0.74 1.21 -18.78
CA ASN C 178 -1.95 1.89 -18.35
C ASN C 178 -1.59 3.20 -17.64
N MET C 179 -2.15 4.31 -18.12
CA MET C 179 -1.91 5.60 -17.50
C MET C 179 -2.85 5.74 -16.31
N VAL C 180 -2.26 5.66 -15.13
CA VAL C 180 -3.02 5.76 -13.87
C VAL C 180 -2.81 7.13 -13.20
N ASP C 181 -2.91 7.18 -11.87
CA ASP C 181 -2.81 8.44 -11.14
C ASP C 181 -2.11 8.25 -9.81
N ALA C 182 -1.02 8.98 -9.60
CA ALA C 182 -0.24 8.85 -8.38
C ALA C 182 -0.97 9.37 -7.14
N MET C 183 -1.93 10.26 -7.35
CA MET C 183 -2.66 10.95 -6.29
C MET C 183 -4.03 10.39 -5.88
N THR C 184 -4.49 9.31 -6.50
CA THR C 184 -5.83 8.79 -6.18
C THR C 184 -6.04 8.21 -4.78
N ASN C 185 -4.94 7.93 -4.08
CA ASN C 185 -4.98 7.48 -2.68
C ASN C 185 -5.24 8.68 -1.77
N GLN C 186 -5.10 9.87 -2.34
CA GLN C 186 -5.38 11.15 -1.66
C GLN C 186 -6.34 11.90 -2.61
N PRO C 187 -7.59 11.45 -2.69
CA PRO C 187 -8.51 11.91 -3.74
C PRO C 187 -8.71 13.41 -3.89
N LEU C 188 -8.94 13.81 -5.12
CA LEU C 188 -9.25 15.20 -5.43
C LEU C 188 -10.74 15.37 -5.11
N LEU C 189 -11.05 16.36 -4.27
CA LEU C 189 -12.43 16.60 -3.85
C LEU C 189 -13.42 16.83 -5.01
N GLY C 190 -14.46 16.00 -5.07
CA GLY C 190 -15.49 16.11 -6.10
C GLY C 190 -15.30 15.27 -7.36
N TYR C 191 -14.23 14.49 -7.43
CA TYR C 191 -13.94 13.73 -8.64
C TYR C 191 -14.13 12.22 -8.49
N THR C 192 -15.13 11.85 -7.70
CA THR C 192 -15.40 10.46 -7.35
C THR C 192 -15.38 9.43 -8.49
N ILE C 193 -16.14 9.69 -9.56
CA ILE C 193 -16.20 8.72 -10.66
C ILE C 193 -14.85 8.53 -11.31
N TYR C 194 -14.15 9.64 -11.57
CA TYR C 194 -12.82 9.59 -12.15
C TYR C 194 -11.89 8.76 -11.24
N THR C 195 -11.94 9.05 -9.93
CA THR C 195 -11.10 8.36 -8.95
C THR C 195 -11.45 6.86 -8.91
N MET C 196 -12.75 6.56 -8.99
CA MET C 196 -13.20 5.19 -9.01
C MET C 196 -12.67 4.51 -10.26
N ALA C 197 -12.74 5.21 -11.39
CA ALA C 197 -12.28 4.67 -12.67
C ALA C 197 -10.78 4.34 -12.66
N LYS C 198 -9.98 5.19 -12.00
CA LYS C 198 -8.54 4.95 -11.95
C LYS C 198 -8.22 3.73 -11.08
N GLY C 199 -9.03 3.54 -10.03
CA GLY C 199 -8.90 2.43 -9.12
C GLY C 199 -9.16 1.13 -9.86
N ALA C 200 -10.10 1.18 -10.80
CA ALA C 200 -10.46 0.03 -11.64
C ALA C 200 -9.30 -0.28 -12.60
N LEU C 201 -8.71 0.77 -13.15
CA LEU C 201 -7.58 0.62 -14.05
C LEU C 201 -6.36 -0.02 -13.36
N GLU C 202 -6.08 0.39 -12.09
CA GLU C 202 -4.99 -0.22 -11.31
C GLU C 202 -5.27 -1.69 -11.14
N GLY C 203 -6.54 -2.02 -10.89
CA GLY C 203 -6.99 -3.40 -10.72
C GLY C 203 -6.78 -4.18 -11.99
N LEU C 204 -7.08 -3.55 -13.14
CA LEU C 204 -6.91 -4.18 -14.45
C LEU C 204 -5.44 -4.52 -14.69
N THR C 205 -4.55 -3.58 -14.32
CA THR C 205 -3.12 -3.74 -14.45
C THR C 205 -2.60 -5.00 -13.75
N ARG C 206 -3.07 -5.26 -12.55
CA ARG C 206 -2.61 -6.43 -11.82
C ARG C 206 -3.22 -7.74 -12.35
N SER C 207 -4.51 -7.72 -12.64
CA SER C 207 -5.22 -8.89 -13.12
C SER C 207 -4.68 -9.30 -14.48
N ALA C 208 -4.53 -8.33 -15.39
CA ALA C 208 -4.02 -8.62 -16.73
C ALA C 208 -2.56 -9.11 -16.69
N ALA C 209 -1.73 -8.48 -15.87
CA ALA C 209 -0.35 -8.92 -15.74
C ALA C 209 -0.26 -10.41 -15.40
N LEU C 210 -1.06 -10.84 -14.42
CA LEU C 210 -1.08 -12.22 -13.99
C LEU C 210 -1.61 -13.21 -15.06
N GLU C 211 -2.70 -12.86 -15.71
CA GLU C 211 -3.32 -13.73 -16.72
C GLU C 211 -2.55 -13.83 -18.05
N LEU C 212 -1.90 -12.73 -18.44
CA LEU C 212 -1.18 -12.67 -19.72
C LEU C 212 0.31 -13.01 -19.61
N ALA C 213 0.77 -13.28 -18.40
CA ALA C 213 2.17 -13.66 -18.15
C ALA C 213 2.61 -14.86 -19.00
N PRO C 214 1.81 -15.93 -19.10
CA PRO C 214 2.18 -17.07 -19.96
C PRO C 214 2.47 -16.68 -21.43
N LEU C 215 1.86 -15.61 -21.92
CA LEU C 215 2.13 -15.16 -23.30
C LEU C 215 3.25 -14.13 -23.37
N GLN C 216 3.92 -13.92 -22.25
CA GLN C 216 5.01 -12.94 -22.14
C GLN C 216 4.53 -11.50 -22.42
N ILE C 217 3.26 -11.22 -22.12
CA ILE C 217 2.72 -9.88 -22.27
C ILE C 217 2.80 -9.22 -20.90
N ARG C 218 3.61 -8.17 -20.81
CA ARG C 218 3.78 -7.44 -19.57
C ARG C 218 2.73 -6.33 -19.48
N VAL C 219 2.19 -6.10 -18.27
CA VAL C 219 1.20 -5.06 -18.07
C VAL C 219 1.58 -4.23 -16.85
N ASN C 220 1.88 -2.96 -17.07
CA ASN C 220 2.31 -2.05 -16.01
C ASN C 220 1.54 -0.72 -16.03
N GLY C 221 1.78 0.09 -15.00
CA GLY C 221 1.14 1.37 -14.91
C GLY C 221 2.13 2.49 -14.64
N VAL C 222 1.81 3.67 -15.16
CA VAL C 222 2.58 4.87 -14.94
C VAL C 222 1.58 5.87 -14.35
N GLY C 223 1.92 6.44 -13.20
CA GLY C 223 1.04 7.37 -12.51
C GLY C 223 1.58 8.77 -12.35
N PRO C 224 1.14 9.70 -13.19
CA PRO C 224 1.55 11.10 -13.05
C PRO C 224 0.89 11.77 -11.86
N GLY C 225 1.50 12.84 -11.35
CA GLY C 225 0.96 13.60 -10.24
C GLY C 225 0.34 14.84 -10.84
N LEU C 226 1.20 15.81 -11.16
CA LEU C 226 0.82 17.04 -11.84
C LEU C 226 1.76 17.21 -13.03
N SER C 227 1.20 17.05 -14.24
CA SER C 227 1.96 17.18 -15.48
C SER C 227 1.29 18.12 -16.46
N VAL C 228 2.12 19.03 -16.99
CA VAL C 228 1.76 20.10 -17.95
C VAL C 228 0.38 20.70 -17.71
N LEU C 229 0.26 21.49 -16.65
CA LEU C 229 -1.03 22.05 -16.25
C LEU C 229 -1.64 23.13 -17.15
N VAL C 230 -2.95 22.95 -17.37
CA VAL C 230 -3.84 23.81 -18.15
C VAL C 230 -3.72 25.28 -17.71
N GLY C 240 -0.67 27.92 -8.86
CA GLY C 240 -1.20 27.73 -7.52
C GLY C 240 -0.56 26.57 -6.76
N HIS C 241 -1.28 25.43 -6.76
CA HIS C 241 -0.90 24.16 -6.11
C HIS C 241 0.44 23.51 -6.55
N ARG C 242 0.95 23.89 -7.73
CA ARG C 242 2.21 23.34 -8.23
C ARG C 242 3.42 23.72 -7.35
N SER C 243 3.28 24.74 -6.52
CA SER C 243 4.34 25.17 -5.61
C SER C 243 4.48 24.19 -4.43
N LYS C 244 3.52 23.28 -4.31
CA LYS C 244 3.51 22.28 -3.22
C LYS C 244 4.18 20.94 -3.58
N VAL C 245 4.62 20.80 -4.83
CA VAL C 245 5.37 19.62 -5.27
C VAL C 245 6.75 19.78 -4.66
N PRO C 246 7.16 18.83 -3.84
CA PRO C 246 8.44 18.95 -3.12
C PRO C 246 9.63 19.07 -4.06
N LEU C 247 9.64 18.30 -5.15
CA LEU C 247 10.74 18.33 -6.13
C LEU C 247 10.50 19.36 -7.22
N TYR C 248 11.36 20.37 -7.24
CA TYR C 248 11.33 21.49 -8.22
C TYR C 248 10.19 22.53 -7.99
N GLN C 249 9.19 22.17 -7.18
CA GLN C 249 8.06 23.06 -6.90
C GLN C 249 7.33 23.43 -8.19
N ARG C 250 7.13 22.44 -9.05
CA ARG C 250 6.47 22.63 -10.34
C ARG C 250 5.84 21.34 -10.88
N ASP C 251 4.95 21.49 -11.86
CA ASP C 251 4.35 20.36 -12.55
C ASP C 251 5.42 19.83 -13.50
N SER C 252 5.27 18.58 -13.92
CA SER C 252 6.24 17.98 -14.81
C SER C 252 6.02 18.34 -16.28
N SER C 253 7.05 18.10 -17.07
CA SER C 253 6.96 18.24 -18.51
C SER C 253 6.37 16.93 -19.00
N ALA C 254 5.87 16.91 -20.23
CA ALA C 254 5.32 15.69 -20.81
C ALA C 254 6.41 14.62 -20.96
N ALA C 255 7.62 15.05 -21.30
CA ALA C 255 8.74 14.13 -21.49
C ALA C 255 9.09 13.43 -20.18
N GLU C 256 9.11 14.19 -19.10
CA GLU C 256 9.42 13.64 -17.77
C GLU C 256 8.51 12.45 -17.41
N VAL C 257 7.35 12.38 -18.07
CA VAL C 257 6.45 11.27 -17.89
C VAL C 257 6.61 10.23 -19.04
N SER C 258 6.56 10.71 -20.28
CA SER C 258 6.64 9.81 -21.44
C SER C 258 7.90 8.95 -21.47
N ASP C 259 9.03 9.52 -21.04
CA ASP C 259 10.30 8.79 -20.98
C ASP C 259 10.22 7.53 -20.12
N VAL C 260 9.43 7.57 -19.06
CA VAL C 260 9.23 6.44 -18.15
C VAL C 260 8.42 5.34 -18.86
N VAL C 261 7.39 5.74 -19.59
CA VAL C 261 6.56 4.84 -20.36
C VAL C 261 7.44 4.14 -21.40
N ILE C 262 8.32 4.91 -22.04
CA ILE C 262 9.21 4.37 -23.05
C ILE C 262 10.13 3.31 -22.42
N PHE C 263 10.75 3.65 -21.29
CA PHE C 263 11.65 2.71 -20.64
C PHE C 263 10.97 1.39 -20.29
N LEU C 264 9.77 1.48 -19.69
CA LEU C 264 9.00 0.30 -19.31
C LEU C 264 8.67 -0.59 -20.51
N CYS C 265 8.69 0.01 -21.71
CA CYS C 265 8.42 -0.72 -22.95
C CYS C 265 9.67 -1.38 -23.52
N SER C 266 10.84 -0.83 -23.18
CA SER C 266 12.13 -1.37 -23.65
C SER C 266 12.40 -2.79 -23.12
N SER C 267 13.18 -3.56 -23.87
CA SER C 267 13.53 -4.92 -23.49
C SER C 267 14.32 -4.96 -22.15
N LYS C 268 14.90 -3.84 -21.76
CA LYS C 268 15.62 -3.76 -20.47
C LYS C 268 14.68 -3.97 -19.28
N ALA C 269 13.41 -3.60 -19.47
CA ALA C 269 12.40 -3.72 -18.42
C ALA C 269 11.57 -5.01 -18.53
N LYS C 270 12.06 -6.01 -19.23
CA LYS C 270 11.28 -7.22 -19.45
C LYS C 270 10.91 -8.05 -18.20
N TYR C 271 11.53 -7.76 -17.06
CA TYR C 271 11.20 -8.48 -15.83
C TYR C 271 10.14 -7.74 -14.99
N ILE C 272 9.83 -6.50 -15.36
CA ILE C 272 8.80 -5.73 -14.65
C ILE C 272 7.40 -6.02 -15.20
N THR C 273 6.47 -6.32 -14.31
CA THR C 273 5.08 -6.55 -14.68
C THR C 273 4.17 -6.45 -13.46
N GLY C 274 2.97 -5.90 -13.67
CA GLY C 274 2.00 -5.74 -12.60
C GLY C 274 2.30 -4.64 -11.60
N THR C 275 3.21 -3.73 -11.92
CA THR C 275 3.56 -2.67 -10.99
C THR C 275 3.23 -1.30 -11.52
N CYS C 276 3.00 -0.35 -10.60
CA CYS C 276 2.68 1.03 -10.95
C CYS C 276 3.81 1.94 -10.50
N VAL C 277 4.30 2.73 -11.43
CA VAL C 277 5.40 3.63 -11.16
C VAL C 277 4.91 5.06 -11.06
N LYS C 278 5.14 5.68 -9.89
CA LYS C 278 4.78 7.07 -9.66
C LYS C 278 5.81 8.01 -10.27
N VAL C 279 5.31 8.97 -11.04
CA VAL C 279 6.13 10.00 -11.65
C VAL C 279 5.44 11.28 -11.19
N ASP C 280 5.66 11.62 -9.92
CA ASP C 280 4.98 12.75 -9.28
C ASP C 280 5.85 13.74 -8.51
N GLY C 281 7.17 13.60 -8.54
CA GLY C 281 8.05 14.52 -7.85
C GLY C 281 7.84 14.59 -6.34
N GLY C 282 7.36 13.48 -5.75
CA GLY C 282 7.13 13.42 -4.32
C GLY C 282 5.81 14.01 -3.81
N TYR C 283 4.93 14.40 -4.72
CA TYR C 283 3.63 14.96 -4.34
C TYR C 283 2.83 14.03 -3.40
N SER C 284 2.81 12.72 -3.70
CA SER C 284 2.05 11.77 -2.89
C SER C 284 2.56 11.63 -1.46
N LEU C 285 3.75 12.16 -1.20
CA LEU C 285 4.32 12.13 0.15
C LEU C 285 3.87 13.30 1.02
N THR C 286 3.08 14.22 0.46
CA THR C 286 2.62 15.40 1.21
C THR C 286 1.30 15.18 1.97
N ARG C 287 1.01 16.11 2.87
CA ARG C 287 -0.19 16.05 3.70
C ARG C 287 -0.66 17.50 3.83
N ALA C 288 -1.93 17.71 4.17
CA ALA C 288 -2.46 19.07 4.35
C ALA C 288 -1.92 19.72 5.65
N THR D 5 -34.61 5.97 20.90
CA THR D 5 -34.46 6.28 19.43
C THR D 5 -33.90 5.08 18.65
N VAL D 6 -34.62 4.68 17.61
CA VAL D 6 -34.24 3.52 16.80
C VAL D 6 -33.67 3.95 15.42
N PRO D 7 -32.36 3.78 15.28
CA PRO D 7 -31.64 4.08 14.03
C PRO D 7 -31.95 3.05 12.94
N VAL D 8 -31.78 3.45 11.69
CA VAL D 8 -32.09 2.59 10.54
C VAL D 8 -30.87 2.23 9.69
N ALA D 9 -30.82 0.98 9.28
CA ALA D 9 -29.74 0.48 8.45
C ALA D 9 -30.30 -0.17 7.17
N LEU D 10 -29.70 0.19 6.03
CA LEU D 10 -30.03 -0.41 4.74
C LEU D 10 -28.88 -1.37 4.38
N VAL D 11 -29.19 -2.65 4.17
CA VAL D 11 -28.17 -3.64 3.82
C VAL D 11 -28.54 -4.27 2.50
N THR D 12 -27.77 -4.00 1.44
CA THR D 12 -28.04 -4.57 0.13
C THR D 12 -27.58 -6.03 0.10
N GLY D 13 -28.28 -6.86 -0.66
CA GLY D 13 -27.97 -8.27 -0.73
C GLY D 13 -27.99 -8.88 0.65
N ALA D 14 -29.04 -8.55 1.41
CA ALA D 14 -29.19 -8.99 2.81
C ALA D 14 -29.83 -10.36 3.05
N ALA D 15 -30.29 -11.00 1.98
CA ALA D 15 -31.03 -12.27 2.09
C ALA D 15 -30.31 -13.46 2.70
N LYS D 16 -29.02 -13.62 2.40
CA LYS D 16 -28.28 -14.75 2.96
C LYS D 16 -26.78 -14.51 3.17
N ARG D 17 -26.11 -15.51 3.73
CA ARG D 17 -24.68 -15.51 3.97
C ARG D 17 -24.22 -14.27 4.76
N LEU D 18 -23.27 -13.49 4.22
CA LEU D 18 -22.73 -12.32 4.94
C LEU D 18 -23.74 -11.20 5.13
N GLY D 19 -24.48 -10.92 4.06
CA GLY D 19 -25.49 -9.89 4.10
C GLY D 19 -26.50 -10.13 5.21
N ARG D 20 -26.83 -11.40 5.43
CA ARG D 20 -27.79 -11.80 6.45
C ARG D 20 -27.23 -11.69 7.88
N SER D 21 -25.97 -12.06 8.03
CA SER D 21 -25.23 -11.97 9.29
C SER D 21 -25.03 -10.49 9.67
N ILE D 22 -24.83 -9.64 8.67
CA ILE D 22 -24.66 -8.20 8.89
C ILE D 22 -25.97 -7.62 9.39
N ALA D 23 -27.05 -7.94 8.69
CA ALA D 23 -28.38 -7.48 9.05
C ALA D 23 -28.78 -7.97 10.46
N GLU D 24 -28.51 -9.24 10.75
CA GLU D 24 -28.81 -9.79 12.07
C GLU D 24 -27.98 -9.09 13.14
N GLY D 25 -26.72 -8.79 12.80
CA GLY D 25 -25.78 -8.12 13.70
C GLY D 25 -26.22 -6.72 14.06
N LEU D 26 -26.63 -5.95 13.06
CA LEU D 26 -27.12 -4.60 13.28
C LEU D 26 -28.44 -4.60 14.07
N HIS D 27 -29.30 -5.58 13.76
CA HIS D 27 -30.59 -5.74 14.44
C HIS D 27 -30.41 -6.02 15.94
N ALA D 28 -29.40 -6.79 16.29
CA ALA D 28 -29.11 -7.11 17.68
C ALA D 28 -28.57 -5.89 18.44
N GLU D 29 -28.17 -4.84 17.69
CA GLU D 29 -27.68 -3.61 18.33
C GLU D 29 -28.80 -2.60 18.48
N GLY D 30 -30.00 -2.96 18.01
CA GLY D 30 -31.17 -2.11 18.11
C GLY D 30 -31.61 -1.41 16.85
N TYR D 31 -30.94 -1.70 15.74
CA TYR D 31 -31.25 -1.07 14.46
C TYR D 31 -32.50 -1.63 13.80
N ALA D 32 -33.24 -0.76 13.12
CA ALA D 32 -34.34 -1.23 12.28
C ALA D 32 -33.63 -1.50 10.96
N VAL D 33 -33.98 -2.58 10.27
CA VAL D 33 -33.24 -2.96 9.07
C VAL D 33 -34.05 -3.09 7.78
N CYS D 34 -33.58 -2.42 6.74
CA CYS D 34 -34.15 -2.54 5.42
C CYS D 34 -33.35 -3.58 4.64
N LEU D 35 -33.91 -4.78 4.53
CA LEU D 35 -33.25 -5.87 3.84
C LEU D 35 -33.50 -5.79 2.37
N HIS D 36 -32.49 -5.43 1.58
CA HIS D 36 -32.64 -5.41 0.12
C HIS D 36 -32.28 -6.79 -0.47
N TYR D 37 -32.95 -7.19 -1.55
CA TYR D 37 -32.68 -8.46 -2.25
C TYR D 37 -32.91 -8.31 -3.77
N HIS D 38 -32.41 -9.29 -4.53
CA HIS D 38 -32.63 -9.31 -5.96
C HIS D 38 -33.50 -10.51 -6.34
N ARG D 39 -32.98 -11.72 -6.16
CA ARG D 39 -33.70 -12.92 -6.53
C ARG D 39 -34.17 -13.70 -5.31
N SER D 40 -33.43 -13.57 -4.22
CA SER D 40 -33.75 -14.32 -3.01
C SER D 40 -34.95 -13.80 -2.19
N ALA D 41 -36.12 -13.74 -2.83
CA ALA D 41 -37.34 -13.26 -2.20
C ALA D 41 -37.78 -14.09 -0.98
N ALA D 42 -37.82 -15.42 -1.15
CA ALA D 42 -38.23 -16.31 -0.08
C ALA D 42 -37.34 -16.18 1.17
N GLU D 43 -36.02 -16.13 0.99
CA GLU D 43 -35.11 -16.04 2.15
C GLU D 43 -35.22 -14.69 2.83
N ALA D 44 -35.28 -13.64 2.01
CA ALA D 44 -35.41 -12.28 2.52
C ALA D 44 -36.64 -12.15 3.41
N ASN D 45 -37.77 -12.64 2.92
CA ASN D 45 -39.03 -12.59 3.66
C ASN D 45 -39.02 -13.43 4.94
N ALA D 46 -38.33 -14.59 4.90
CA ALA D 46 -38.18 -15.43 6.07
C ALA D 46 -37.32 -14.73 7.12
N LEU D 47 -36.31 -13.98 6.66
CA LEU D 47 -35.45 -13.23 7.57
C LEU D 47 -36.22 -12.06 8.21
N SER D 48 -37.03 -11.37 7.41
CA SER D 48 -37.86 -10.28 7.91
C SER D 48 -38.81 -10.77 9.02
N ALA D 49 -39.47 -11.91 8.77
CA ALA D 49 -40.37 -12.52 9.74
C ALA D 49 -39.70 -12.75 11.10
N THR D 50 -38.51 -13.37 11.09
CA THR D 50 -37.76 -13.64 12.31
C THR D 50 -37.46 -12.33 13.04
N LEU D 51 -36.96 -11.33 12.32
CA LEU D 51 -36.58 -10.05 12.93
C LEU D 51 -37.79 -9.29 13.47
N ASN D 52 -38.87 -9.28 12.69
CA ASN D 52 -40.12 -8.64 13.10
C ASN D 52 -40.80 -9.38 14.26
N ALA D 53 -40.54 -10.68 14.38
CA ALA D 53 -41.09 -11.48 15.50
C ALA D 53 -40.36 -11.15 16.81
N ARG D 54 -39.06 -10.93 16.74
CA ARG D 54 -38.28 -10.59 17.93
C ARG D 54 -38.64 -9.17 18.38
N ARG D 55 -38.76 -8.27 17.41
CA ARG D 55 -39.04 -6.86 17.65
C ARG D 55 -39.99 -6.34 16.58
N PRO D 56 -41.26 -6.09 16.92
CA PRO D 56 -42.25 -5.58 15.96
C PRO D 56 -41.78 -4.34 15.21
N ASN D 57 -42.06 -4.29 13.92
CA ASN D 57 -41.67 -3.20 13.02
C ASN D 57 -40.17 -2.89 12.94
N SER D 58 -39.34 -3.92 12.98
CA SER D 58 -37.89 -3.73 12.91
C SER D 58 -37.25 -4.20 11.60
N ALA D 59 -38.07 -4.52 10.59
CA ALA D 59 -37.58 -5.01 9.31
C ALA D 59 -38.58 -4.88 8.16
N ILE D 60 -38.07 -4.55 6.98
CA ILE D 60 -38.87 -4.53 5.75
C ILE D 60 -37.99 -5.11 4.65
N THR D 61 -38.59 -5.47 3.50
CA THR D 61 -37.82 -6.04 2.39
C THR D 61 -38.12 -5.30 1.10
N VAL D 62 -37.08 -4.95 0.36
CA VAL D 62 -37.23 -4.27 -0.93
C VAL D 62 -36.42 -4.99 -2.01
N GLN D 63 -37.02 -5.10 -3.20
CA GLN D 63 -36.44 -5.79 -4.35
C GLN D 63 -35.83 -4.81 -5.35
N ALA D 64 -34.65 -5.15 -5.87
CA ALA D 64 -33.98 -4.31 -6.87
C ALA D 64 -32.80 -4.98 -7.57
N ASP D 65 -32.72 -4.75 -8.88
CA ASP D 65 -31.61 -5.23 -9.68
C ASP D 65 -30.63 -4.07 -9.67
N LEU D 66 -29.43 -4.33 -9.15
CA LEU D 66 -28.39 -3.30 -9.03
C LEU D 66 -27.41 -3.30 -10.21
N SER D 67 -27.74 -4.10 -11.21
CA SER D 67 -26.97 -4.15 -12.44
C SER D 67 -27.12 -2.82 -13.18
N ASN D 68 -26.07 -2.39 -13.85
CA ASN D 68 -26.08 -1.11 -14.59
C ASN D 68 -26.92 -1.13 -15.88
N VAL D 69 -28.22 -1.42 -15.73
CA VAL D 69 -29.15 -1.47 -16.86
C VAL D 69 -30.47 -0.76 -16.54
N ALA D 70 -31.16 -0.37 -17.61
CA ALA D 70 -32.46 0.25 -17.53
C ALA D 70 -33.55 -0.82 -17.55
N THR D 71 -34.49 -0.74 -16.61
CA THR D 71 -35.65 -1.64 -16.55
C THR D 71 -36.86 -0.91 -17.14
N ALA D 72 -37.88 -1.64 -17.60
CA ALA D 72 -39.06 -1.01 -18.22
C ALA D 72 -40.02 -0.36 -17.18
N PRO D 73 -40.75 0.69 -17.56
CA PRO D 73 -41.66 1.39 -16.62
C PRO D 73 -42.72 0.47 -16.02
N ALA D 81 -40.78 5.28 -20.53
CA ALA D 81 -39.42 5.62 -20.14
C ALA D 81 -38.85 4.54 -19.23
N PRO D 82 -37.70 3.96 -19.59
CA PRO D 82 -37.10 2.89 -18.76
C PRO D 82 -36.58 3.42 -17.41
N VAL D 83 -36.73 2.64 -16.35
CA VAL D 83 -36.22 3.03 -15.04
C VAL D 83 -34.71 2.77 -15.00
N THR D 84 -33.93 3.83 -14.78
CA THR D 84 -32.46 3.73 -14.70
C THR D 84 -31.97 3.18 -13.36
N LEU D 85 -30.69 2.78 -13.30
CA LEU D 85 -30.09 2.25 -12.08
C LEU D 85 -30.10 3.31 -10.97
N PHE D 86 -29.84 4.57 -11.34
CA PHE D 86 -29.84 5.64 -10.36
C PHE D 86 -31.17 5.72 -9.63
N THR D 87 -32.27 5.80 -10.40
CA THR D 87 -33.62 5.90 -9.84
C THR D 87 -33.88 4.74 -8.88
N ARG D 88 -33.55 3.53 -9.32
CA ARG D 88 -33.72 2.34 -8.50
C ARG D 88 -32.96 2.43 -7.18
N CYS D 89 -31.78 3.07 -7.21
CA CYS D 89 -30.97 3.24 -6.02
C CYS D 89 -31.57 4.31 -5.09
N ALA D 90 -32.06 5.39 -5.68
CA ALA D 90 -32.71 6.45 -4.90
C ALA D 90 -33.91 5.86 -4.17
N GLU D 91 -34.67 5.02 -4.87
CA GLU D 91 -35.85 4.37 -4.31
C GLU D 91 -35.53 3.50 -3.09
N LEU D 92 -34.34 2.89 -3.09
CA LEU D 92 -33.90 2.05 -1.97
C LEU D 92 -33.72 2.87 -0.71
N VAL D 93 -33.08 4.04 -0.86
CA VAL D 93 -32.85 4.93 0.26
C VAL D 93 -34.18 5.54 0.70
N ALA D 94 -35.03 5.89 -0.27
CA ALA D 94 -36.35 6.49 -0.01
C ALA D 94 -37.23 5.59 0.82
N ALA D 95 -37.17 4.29 0.57
CA ALA D 95 -37.96 3.32 1.32
C ALA D 95 -37.68 3.37 2.83
N CYS D 96 -36.45 3.73 3.19
CA CYS D 96 -36.04 3.84 4.58
C CYS D 96 -36.68 5.07 5.20
N TYR D 97 -36.66 6.19 4.48
CA TYR D 97 -37.25 7.41 4.98
C TYR D 97 -38.77 7.34 5.04
N THR D 98 -39.39 6.72 4.03
CA THR D 98 -40.84 6.58 3.99
C THR D 98 -41.35 5.76 5.17
N HIS D 99 -40.70 4.64 5.45
CA HIS D 99 -41.16 3.76 6.52
C HIS D 99 -40.75 4.14 7.93
N TRP D 100 -39.53 4.66 8.10
CA TRP D 100 -39.03 5.01 9.42
C TRP D 100 -38.61 6.46 9.61
N GLY D 101 -38.61 7.25 8.54
CA GLY D 101 -38.24 8.65 8.61
C GLY D 101 -36.75 8.94 8.72
N ARG D 102 -35.92 7.88 8.63
CA ARG D 102 -34.47 8.03 8.73
C ARG D 102 -33.67 6.87 8.11
N CYS D 103 -32.39 7.13 7.81
CA CYS D 103 -31.43 6.14 7.29
C CYS D 103 -30.04 6.48 7.84
N ASP D 104 -29.60 5.71 8.82
CA ASP D 104 -28.33 6.00 9.50
C ASP D 104 -27.12 5.22 8.97
N VAL D 105 -27.36 3.98 8.56
CA VAL D 105 -26.30 3.10 8.09
C VAL D 105 -26.58 2.55 6.70
N LEU D 106 -25.55 2.57 5.85
CA LEU D 106 -25.61 1.95 4.53
C LEU D 106 -24.52 0.89 4.42
N VAL D 107 -24.88 -0.34 4.07
CA VAL D 107 -23.89 -1.38 3.87
C VAL D 107 -24.00 -1.92 2.44
N ASN D 108 -23.06 -1.52 1.59
CA ASN D 108 -23.02 -2.01 0.20
C ASN D 108 -22.40 -3.41 0.22
N ASN D 109 -23.25 -4.42 0.31
CA ASN D 109 -22.82 -5.81 0.38
C ASN D 109 -23.13 -6.62 -0.88
N ALA D 110 -24.22 -6.29 -1.57
CA ALA D 110 -24.61 -7.01 -2.79
C ALA D 110 -23.45 -7.07 -3.82
N SER D 111 -23.26 -8.25 -4.41
CA SER D 111 -22.14 -8.44 -5.33
C SER D 111 -22.20 -9.69 -6.21
N SER D 112 -22.13 -9.49 -7.53
CA SER D 112 -22.01 -10.64 -8.44
C SER D 112 -20.53 -11.04 -8.52
N PHE D 113 -20.27 -12.34 -8.61
CA PHE D 113 -18.91 -12.87 -8.61
C PHE D 113 -18.78 -14.11 -9.51
N TYR D 114 -18.32 -13.90 -10.74
CA TYR D 114 -18.07 -15.01 -11.69
C TYR D 114 -16.96 -14.61 -12.68
N PRO D 115 -16.33 -15.58 -13.36
CA PRO D 115 -15.20 -15.28 -14.26
C PRO D 115 -15.51 -14.50 -15.53
N THR D 116 -14.56 -13.66 -15.93
CA THR D 116 -14.61 -12.96 -17.22
C THR D 116 -13.19 -13.09 -17.74
N PRO D 117 -12.88 -14.22 -18.36
CA PRO D 117 -11.50 -14.51 -18.83
C PRO D 117 -11.03 -13.60 -19.95
N LEU D 118 -9.74 -13.30 -19.99
CA LEU D 118 -9.17 -12.47 -21.04
C LEU D 118 -8.81 -13.34 -22.25
N LEU D 119 -8.47 -14.61 -22.02
CA LEU D 119 -8.07 -15.56 -23.06
C LEU D 119 -9.07 -16.70 -23.31
N ARG D 120 -8.88 -17.39 -24.45
CA ARG D 120 -9.72 -18.51 -24.91
C ARG D 120 -11.10 -17.99 -25.31
N ARG D 133 -21.28 -12.80 -26.52
CA ARG D 133 -21.53 -11.42 -26.94
C ARG D 133 -22.49 -10.70 -25.98
N GLU D 134 -23.75 -11.15 -25.95
CA GLU D 134 -24.75 -10.60 -25.04
C GLU D 134 -24.22 -10.70 -23.59
N ALA D 135 -23.55 -11.80 -23.27
CA ALA D 135 -22.95 -12.04 -21.95
C ALA D 135 -21.78 -11.09 -21.62
N MET D 136 -21.09 -10.57 -22.63
CA MET D 136 -19.98 -9.63 -22.39
C MET D 136 -20.53 -8.26 -21.95
N GLU D 137 -21.67 -7.89 -22.52
CA GLU D 137 -22.35 -6.64 -22.20
C GLU D 137 -23.14 -6.81 -20.90
N THR D 138 -23.76 -7.98 -20.69
CA THR D 138 -24.53 -8.19 -19.44
C THR D 138 -23.63 -8.45 -18.25
N ALA D 139 -22.47 -9.08 -18.47
CA ALA D 139 -21.52 -9.38 -17.40
C ALA D 139 -20.90 -8.10 -16.86
N THR D 140 -20.50 -7.21 -17.78
CA THR D 140 -19.88 -5.93 -17.44
C THR D 140 -20.80 -5.08 -16.57
N ALA D 141 -22.03 -4.88 -17.02
CA ALA D 141 -23.00 -4.07 -16.29
C ALA D 141 -23.45 -4.73 -14.99
N ASP D 142 -23.47 -6.06 -14.96
CA ASP D 142 -23.88 -6.78 -13.76
C ASP D 142 -22.80 -6.70 -12.67
N LEU D 143 -21.57 -7.06 -13.05
CA LEU D 143 -20.44 -7.04 -12.13
C LEU D 143 -20.03 -5.61 -11.74
N PHE D 144 -20.01 -4.69 -12.70
CA PHE D 144 -19.62 -3.32 -12.40
C PHE D 144 -20.69 -2.53 -11.66
N GLY D 145 -21.96 -2.81 -11.96
CA GLY D 145 -23.07 -2.12 -11.34
C GLY D 145 -23.21 -2.51 -9.88
N SER D 146 -23.38 -3.80 -9.64
CA SER D 146 -23.55 -4.34 -8.29
C SER D 146 -22.40 -4.00 -7.36
N ASN D 147 -21.18 -4.18 -7.86
CA ASN D 147 -19.98 -3.96 -7.07
C ASN D 147 -19.46 -2.53 -6.99
N ALA D 148 -19.91 -1.63 -7.87
CA ALA D 148 -19.34 -0.27 -7.91
C ALA D 148 -20.29 0.90 -8.26
N ILE D 149 -20.99 0.82 -9.37
CA ILE D 149 -21.88 1.92 -9.77
C ILE D 149 -23.10 2.06 -8.87
N ALA D 150 -23.75 0.94 -8.53
CA ALA D 150 -24.87 0.98 -7.60
C ALA D 150 -24.43 1.61 -6.25
N PRO D 151 -23.33 1.08 -5.64
CA PRO D 151 -22.83 1.66 -4.39
C PRO D 151 -22.59 3.16 -4.51
N TYR D 152 -22.09 3.64 -5.66
CA TYR D 152 -21.87 5.06 -5.86
C TYR D 152 -23.19 5.85 -5.77
N PHE D 153 -24.19 5.42 -6.54
CA PHE D 153 -25.50 6.06 -6.55
C PHE D 153 -26.16 5.99 -5.20
N LEU D 154 -26.00 4.85 -4.52
CA LEU D 154 -26.59 4.68 -3.20
C LEU D 154 -25.99 5.67 -2.22
N ILE D 155 -24.67 5.83 -2.26
CA ILE D 155 -23.99 6.79 -1.38
C ILE D 155 -24.45 8.22 -1.67
N LYS D 156 -24.52 8.58 -2.95
CA LYS D 156 -25.00 9.89 -3.35
C LYS D 156 -26.42 10.12 -2.80
N ALA D 157 -27.32 9.16 -2.99
CA ALA D 157 -28.69 9.25 -2.49
C ALA D 157 -28.73 9.39 -0.96
N PHE D 158 -27.90 8.59 -0.28
CA PHE D 158 -27.79 8.61 1.18
C PHE D 158 -27.33 9.99 1.66
N ALA D 159 -26.33 10.55 0.97
CA ALA D 159 -25.76 11.85 1.31
C ALA D 159 -26.72 13.03 1.10
N HIS D 160 -27.51 12.98 0.03
CA HIS D 160 -28.48 14.06 -0.26
C HIS D 160 -29.53 14.17 0.82
N ARG D 161 -30.05 13.01 1.24
CA ARG D 161 -31.05 12.88 2.29
C ARG D 161 -30.53 13.41 3.62
N VAL D 162 -29.27 13.12 3.95
CA VAL D 162 -28.67 13.64 5.18
C VAL D 162 -28.55 15.14 5.05
N ALA D 163 -28.03 15.60 3.90
CA ALA D 163 -27.84 17.03 3.60
C ALA D 163 -29.16 17.79 3.61
N GLY D 164 -30.23 17.15 3.14
CA GLY D 164 -31.54 17.76 3.09
C GLY D 164 -32.26 17.85 4.43
N THR D 165 -31.84 17.01 5.38
CA THR D 165 -32.40 17.00 6.73
C THR D 165 -31.84 18.17 7.53
N PRO D 166 -32.70 18.98 8.14
CA PRO D 166 -32.25 20.10 8.98
C PRO D 166 -31.32 19.62 10.10
N ALA D 167 -30.20 20.31 10.28
CA ALA D 167 -29.19 19.91 11.27
C ALA D 167 -29.72 19.41 12.63
N LYS D 168 -30.68 20.12 13.22
CA LYS D 168 -31.20 19.72 14.53
C LYS D 168 -31.80 18.32 14.51
N HIS D 169 -32.33 17.94 13.35
CA HIS D 169 -33.01 16.65 13.19
C HIS D 169 -32.15 15.43 12.76
N ARG D 170 -30.89 15.69 12.37
CA ARG D 170 -29.96 14.65 11.92
C ARG D 170 -29.59 13.64 13.01
N GLY D 171 -29.28 12.41 12.58
CA GLY D 171 -28.82 11.38 13.48
C GLY D 171 -27.42 11.75 13.93
N THR D 172 -26.90 11.04 14.92
CA THR D 172 -25.58 11.38 15.47
C THR D 172 -24.48 10.39 15.11
N ASN D 173 -24.81 9.37 14.31
CA ASN D 173 -23.84 8.34 13.94
C ASN D 173 -24.06 7.76 12.54
N TYR D 174 -23.74 8.56 11.52
CA TYR D 174 -23.90 8.15 10.13
C TYR D 174 -22.70 7.32 9.68
N SER D 175 -22.96 6.12 9.19
CA SER D 175 -21.89 5.22 8.80
C SER D 175 -22.23 4.42 7.54
N ILE D 176 -21.30 4.43 6.58
CA ILE D 176 -21.41 3.65 5.33
C ILE D 176 -20.27 2.62 5.24
N ILE D 177 -20.63 1.35 5.08
CA ILE D 177 -19.64 0.28 4.96
C ILE D 177 -19.72 -0.34 3.56
N ASN D 178 -18.56 -0.39 2.90
CA ASN D 178 -18.43 -1.01 1.59
C ASN D 178 -17.76 -2.37 1.74
N MET D 179 -18.40 -3.41 1.23
CA MET D 179 -17.79 -4.74 1.30
C MET D 179 -16.79 -4.87 0.15
N VAL D 180 -15.51 -4.90 0.50
CA VAL D 180 -14.46 -5.00 -0.50
C VAL D 180 -13.85 -6.41 -0.52
N ASP D 181 -12.57 -6.51 -0.87
CA ASP D 181 -11.91 -7.81 -0.99
C ASP D 181 -10.45 -7.74 -0.55
N ALA D 182 -10.08 -8.53 0.45
CA ALA D 182 -8.72 -8.50 0.98
C ALA D 182 -7.67 -9.03 0.00
N MET D 183 -8.11 -9.87 -0.93
CA MET D 183 -7.22 -10.54 -1.88
C MET D 183 -7.08 -9.92 -3.26
N THR D 184 -7.71 -8.78 -3.54
CA THR D 184 -7.65 -8.24 -4.90
C THR D 184 -6.30 -7.73 -5.37
N ASN D 185 -5.38 -7.52 -4.42
CA ASN D 185 -4.00 -7.14 -4.73
C ASN D 185 -3.21 -8.33 -5.26
N GLN D 186 -3.80 -9.51 -5.09
CA GLN D 186 -3.26 -10.79 -5.54
C GLN D 186 -4.43 -11.43 -6.28
N PRO D 187 -4.74 -10.92 -7.48
CA PRO D 187 -5.97 -11.28 -8.19
C PRO D 187 -6.21 -12.76 -8.45
N LEU D 188 -7.50 -13.11 -8.43
CA LEU D 188 -7.94 -14.45 -8.73
C LEU D 188 -7.90 -14.54 -10.25
N LEU D 189 -7.20 -15.54 -10.77
CA LEU D 189 -7.06 -15.72 -12.20
C LEU D 189 -8.42 -15.87 -12.93
N GLY D 190 -8.66 -15.00 -13.91
CA GLY D 190 -9.86 -15.02 -14.73
C GLY D 190 -11.02 -14.11 -14.29
N TYR D 191 -10.85 -13.41 -13.17
CA TYR D 191 -11.91 -12.59 -12.59
C TYR D 191 -11.66 -11.09 -12.74
N THR D 192 -11.14 -10.69 -13.90
CA THR D 192 -10.74 -9.29 -14.14
C THR D 192 -11.78 -8.21 -13.86
N ILE D 193 -12.99 -8.37 -14.37
CA ILE D 193 -14.04 -7.35 -14.18
C ILE D 193 -14.49 -7.24 -12.73
N TYR D 194 -14.52 -8.37 -12.04
CA TYR D 194 -14.86 -8.37 -10.63
C TYR D 194 -13.78 -7.63 -9.85
N THR D 195 -12.53 -7.97 -10.14
CA THR D 195 -11.36 -7.37 -9.50
C THR D 195 -11.30 -5.87 -9.78
N MET D 196 -11.60 -5.49 -11.02
CA MET D 196 -11.65 -4.10 -11.40
C MET D 196 -12.74 -3.39 -10.61
N ALA D 197 -13.89 -4.06 -10.46
CA ALA D 197 -15.05 -3.48 -9.76
C ALA D 197 -14.73 -3.22 -8.27
N LYS D 198 -14.03 -4.16 -7.64
CA LYS D 198 -13.64 -4.00 -6.24
C LYS D 198 -12.64 -2.85 -6.08
N GLY D 199 -11.75 -2.68 -7.05
CA GLY D 199 -10.80 -1.58 -7.04
C GLY D 199 -11.51 -0.24 -7.11
N ALA D 200 -12.61 -0.20 -7.85
CA ALA D 200 -13.43 1.00 -7.99
C ALA D 200 -14.10 1.32 -6.65
N LEU D 201 -14.61 0.27 -6.00
CA LEU D 201 -15.24 0.39 -4.69
C LEU D 201 -14.27 0.94 -3.64
N GLU D 202 -13.02 0.48 -3.63
CA GLU D 202 -12.01 0.98 -2.70
C GLU D 202 -11.82 2.46 -2.96
N GLY D 203 -11.78 2.83 -4.24
CA GLY D 203 -11.64 4.22 -4.66
C GLY D 203 -12.81 5.03 -4.15
N LEU D 204 -14.02 4.48 -4.24
CA LEU D 204 -15.24 5.16 -3.76
C LEU D 204 -15.16 5.41 -2.25
N THR D 205 -14.65 4.41 -1.53
CA THR D 205 -14.50 4.50 -0.08
C THR D 205 -13.68 5.70 0.36
N ARG D 206 -12.57 5.93 -0.34
CA ARG D 206 -11.69 7.04 0.00
C ARG D 206 -12.25 8.39 -0.44
N SER D 207 -12.79 8.45 -1.65
CA SER D 207 -13.37 9.69 -2.18
C SER D 207 -14.59 10.14 -1.34
N ALA D 208 -15.51 9.22 -1.10
CA ALA D 208 -16.69 9.51 -0.28
C ALA D 208 -16.33 9.87 1.19
N ALA D 209 -15.34 9.20 1.77
CA ALA D 209 -14.94 9.54 3.13
C ALA D 209 -14.49 11.00 3.22
N LEU D 210 -13.72 11.45 2.24
CA LEU D 210 -13.21 12.81 2.21
C LEU D 210 -14.28 13.87 1.97
N GLU D 211 -15.15 13.64 0.98
CA GLU D 211 -16.21 14.59 0.63
C GLU D 211 -17.34 14.71 1.67
N LEU D 212 -17.67 13.60 2.31
CA LEU D 212 -18.79 13.55 3.27
C LEU D 212 -18.38 13.81 4.72
N ALA D 213 -17.09 14.00 4.95
CA ALA D 213 -16.56 14.28 6.28
C ALA D 213 -17.23 15.51 6.95
N PRO D 214 -17.43 16.62 6.23
CA PRO D 214 -18.14 17.77 6.81
C PRO D 214 -19.54 17.43 7.38
N LEU D 215 -20.20 16.43 6.82
CA LEU D 215 -21.52 16.01 7.31
C LEU D 215 -21.44 14.89 8.35
N GLN D 216 -20.22 14.58 8.80
CA GLN D 216 -19.96 13.55 9.82
C GLN D 216 -20.40 12.14 9.38
N ILE D 217 -20.40 11.93 8.06
CA ILE D 217 -20.74 10.63 7.52
C ILE D 217 -19.40 9.93 7.29
N ARG D 218 -19.20 8.82 7.99
CA ARG D 218 -17.97 8.05 7.86
C ARG D 218 -18.13 6.97 6.79
N VAL D 219 -17.09 6.78 5.97
CA VAL D 219 -17.15 5.74 4.95
C VAL D 219 -15.92 4.84 5.06
N ASN D 220 -16.17 3.58 5.35
CA ASN D 220 -15.10 2.60 5.50
C ASN D 220 -15.36 1.33 4.69
N GLY D 221 -14.36 0.44 4.69
CA GLY D 221 -14.44 -0.81 3.95
C GLY D 221 -14.09 -1.99 4.81
N VAL D 222 -14.72 -3.11 4.51
CA VAL D 222 -14.41 -4.36 5.18
C VAL D 222 -14.08 -5.35 4.07
N GLY D 223 -12.89 -5.95 4.14
CA GLY D 223 -12.43 -6.87 3.13
C GLY D 223 -12.23 -8.31 3.59
N PRO D 224 -13.19 -9.19 3.28
CA PRO D 224 -13.06 -10.62 3.61
C PRO D 224 -12.06 -11.28 2.69
N GLY D 225 -11.51 -12.41 3.13
CA GLY D 225 -10.57 -13.19 2.33
C GLY D 225 -11.36 -14.39 1.81
N LEU D 226 -11.54 -15.38 2.69
CA LEU D 226 -12.32 -16.55 2.38
C LEU D 226 -13.34 -16.72 3.52
N SER D 227 -14.60 -16.47 3.20
CA SER D 227 -15.71 -16.61 4.16
C SER D 227 -16.87 -17.45 3.64
N VAL D 228 -17.34 -18.37 4.50
CA VAL D 228 -18.48 -19.26 4.25
C VAL D 228 -18.53 -19.83 2.84
N LEU D 229 -17.52 -20.64 2.50
CA LEU D 229 -17.41 -21.23 1.16
C LEU D 229 -18.39 -22.36 0.85
N VAL D 230 -18.87 -22.39 -0.40
CA VAL D 230 -19.79 -23.43 -0.87
C VAL D 230 -19.05 -24.49 -1.68
N GLY D 240 -8.99 -28.05 0.76
CA GLY D 240 -7.64 -27.87 0.24
C GLY D 240 -7.25 -26.44 -0.11
N HIS D 241 -8.26 -25.60 -0.40
CA HIS D 241 -8.06 -24.19 -0.78
C HIS D 241 -7.96 -23.26 0.46
N ARG D 242 -8.74 -23.62 1.47
CA ARG D 242 -8.79 -22.92 2.75
C ARG D 242 -7.63 -23.33 3.70
N SER D 243 -7.05 -24.50 3.45
CA SER D 243 -5.93 -25.00 4.25
C SER D 243 -4.70 -24.10 4.10
N LYS D 244 -4.80 -23.18 3.13
CA LYS D 244 -3.74 -22.23 2.83
C LYS D 244 -3.79 -20.94 3.68
N VAL D 245 -4.87 -20.75 4.43
CA VAL D 245 -5.04 -19.59 5.31
C VAL D 245 -4.17 -19.84 6.54
N PRO D 246 -3.27 -18.89 6.86
CA PRO D 246 -2.37 -19.01 8.01
C PRO D 246 -3.08 -19.23 9.34
N LEU D 247 -4.19 -18.53 9.55
CA LEU D 247 -4.93 -18.62 10.81
C LEU D 247 -6.10 -19.61 10.77
N TYR D 248 -5.97 -20.69 11.54
CA TYR D 248 -6.98 -21.75 11.68
C TYR D 248 -7.06 -22.71 10.48
N GLN D 249 -6.41 -22.35 9.38
CA GLN D 249 -6.42 -23.18 8.15
C GLN D 249 -7.87 -23.46 7.70
N ARG D 250 -8.69 -22.40 7.69
CA ARG D 250 -10.09 -22.52 7.29
C ARG D 250 -10.64 -21.17 6.85
N ASP D 251 -11.79 -21.21 6.19
CA ASP D 251 -12.53 -20.04 5.78
C ASP D 251 -13.23 -19.52 7.03
N SER D 252 -13.60 -18.24 7.04
CA SER D 252 -14.23 -17.66 8.20
C SER D 252 -15.72 -17.93 8.26
N SER D 253 -16.30 -17.73 9.44
CA SER D 253 -17.74 -17.79 9.62
C SER D 253 -18.27 -16.41 9.19
N ALA D 254 -19.59 -16.29 9.01
CA ALA D 254 -20.19 -15.03 8.61
C ALA D 254 -20.08 -14.01 9.74
N ALA D 255 -20.18 -14.49 10.98
CA ALA D 255 -20.11 -13.64 12.17
C ALA D 255 -18.71 -13.02 12.28
N GLU D 256 -17.70 -13.84 12.02
CA GLU D 256 -16.31 -13.38 12.08
C GLU D 256 -16.07 -12.17 11.18
N VAL D 257 -16.94 -11.97 10.19
CA VAL D 257 -16.85 -10.81 9.31
C VAL D 257 -17.87 -9.74 9.72
N SER D 258 -19.13 -10.14 9.89
CA SER D 258 -20.20 -9.19 10.24
C SER D 258 -19.95 -8.44 11.55
N ASP D 259 -19.34 -9.12 12.53
CA ASP D 259 -18.99 -8.46 13.80
C ASP D 259 -18.08 -7.25 13.61
N VAL D 260 -17.22 -7.29 12.60
CA VAL D 260 -16.31 -6.19 12.30
C VAL D 260 -17.11 -5.03 11.72
N VAL D 261 -18.06 -5.37 10.85
CA VAL D 261 -18.93 -4.36 10.21
C VAL D 261 -19.72 -3.64 11.30
N ILE D 262 -20.23 -4.40 12.26
CA ILE D 262 -21.00 -3.86 13.38
C ILE D 262 -20.13 -2.92 14.21
N PHE D 263 -18.93 -3.36 14.59
CA PHE D 263 -18.03 -2.49 15.34
C PHE D 263 -17.73 -1.16 14.61
N LEU D 264 -17.44 -1.21 13.32
CA LEU D 264 -17.14 0.03 12.57
C LEU D 264 -18.33 0.98 12.53
N CYS D 265 -19.53 0.44 12.75
CA CYS D 265 -20.76 1.23 12.76
C CYS D 265 -21.01 1.85 14.15
N SER D 266 -20.44 1.24 15.18
CA SER D 266 -20.61 1.72 16.56
C SER D 266 -19.97 3.08 16.78
N SER D 267 -20.54 3.85 17.71
CA SER D 267 -20.05 5.19 18.05
C SER D 267 -18.61 5.15 18.56
N LYS D 268 -18.19 3.97 19.03
CA LYS D 268 -16.82 3.81 19.52
C LYS D 268 -15.79 3.92 18.39
N ALA D 269 -16.24 3.72 17.14
CA ALA D 269 -15.38 3.81 15.95
C ALA D 269 -15.57 5.14 15.23
N LYS D 270 -16.13 6.13 15.94
CA LYS D 270 -16.42 7.44 15.33
C LYS D 270 -15.23 8.22 14.71
N TYR D 271 -14.00 7.83 15.04
CA TYR D 271 -12.82 8.50 14.46
C TYR D 271 -12.25 7.80 13.21
N ILE D 272 -12.70 6.56 12.95
CA ILE D 272 -12.27 5.83 11.77
C ILE D 272 -13.07 6.23 10.53
N THR D 273 -12.35 6.56 9.45
CA THR D 273 -12.96 6.87 8.15
C THR D 273 -11.95 6.75 7.00
N GLY D 274 -12.41 6.27 5.85
CA GLY D 274 -11.57 6.14 4.68
C GLY D 274 -10.60 4.99 4.73
N THR D 275 -10.82 4.05 5.64
CA THR D 275 -9.91 2.92 5.75
C THR D 275 -10.56 1.57 5.44
N CYS D 276 -9.76 0.63 4.96
CA CYS D 276 -10.23 -0.73 4.68
C CYS D 276 -9.62 -1.70 5.66
N VAL D 277 -10.48 -2.47 6.29
CA VAL D 277 -10.04 -3.44 7.29
C VAL D 277 -10.11 -4.85 6.71
N LYS D 278 -8.97 -5.51 6.58
CA LYS D 278 -8.99 -6.88 6.10
C LYS D 278 -9.35 -7.87 7.22
N VAL D 279 -10.30 -8.75 6.90
CA VAL D 279 -10.75 -9.82 7.80
C VAL D 279 -10.48 -11.12 7.05
N ASP D 280 -9.21 -11.52 7.01
CA ASP D 280 -8.76 -12.61 6.16
C ASP D 280 -7.89 -13.68 6.79
N GLY D 281 -7.64 -13.58 8.09
CA GLY D 281 -6.85 -14.60 8.76
C GLY D 281 -5.42 -14.73 8.22
N GLY D 282 -4.92 -13.64 7.66
CA GLY D 282 -3.56 -13.59 7.15
C GLY D 282 -3.37 -14.14 5.76
N TYR D 283 -4.45 -14.42 5.06
CA TYR D 283 -4.38 -14.96 3.71
C TYR D 283 -3.58 -14.05 2.75
N SER D 284 -3.77 -12.74 2.85
CA SER D 284 -3.07 -11.79 1.98
C SER D 284 -1.56 -11.75 2.21
N LEU D 285 -1.09 -12.33 3.31
CA LEU D 285 0.33 -12.39 3.59
C LEU D 285 1.04 -13.59 2.90
N THR D 286 0.26 -14.44 2.23
CA THR D 286 0.85 -15.60 1.57
C THR D 286 1.38 -15.33 0.16
N ARG D 287 2.13 -16.28 -0.37
CA ARG D 287 2.72 -16.22 -1.69
C ARG D 287 2.72 -17.64 -2.26
N ALA D 288 2.76 -17.79 -3.58
CA ALA D 288 2.78 -19.13 -4.20
C ALA D 288 4.11 -19.86 -3.95
PA NDP E . 23.60 -10.27 -1.57
O1A NDP E . 22.83 -11.16 -0.67
O2A NDP E . 24.54 -11.05 -2.47
O5B NDP E . 24.45 -9.26 -0.67
C5B NDP E . 25.06 -8.13 -1.24
C4B NDP E . 26.33 -7.76 -0.47
O4B NDP E . 26.06 -7.14 0.78
C3B NDP E . 27.20 -8.94 -0.10
O3B NDP E . 27.91 -9.40 -1.22
C2B NDP E . 28.06 -8.38 1.03
O2B NDP E . 29.34 -7.94 0.59
C1B NDP E . 27.26 -7.17 1.51
N9A NDP E . 27.03 -7.22 2.97
C8A NDP E . 26.30 -8.13 3.68
N7A NDP E . 26.37 -7.82 4.97
C5A NDP E . 27.13 -6.73 5.12
C6A NDP E . 27.53 -6.00 6.23
N6A NDP E . 27.31 -6.47 7.46
N1A NDP E . 28.33 -4.89 6.05
C2A NDP E . 28.75 -4.53 4.78
N3A NDP E . 28.36 -5.26 3.69
C4A NDP E . 27.55 -6.34 3.86
O3 NDP E . 22.56 -9.31 -2.34
PN NDP E . 21.87 -9.57 -3.78
O1N NDP E . 21.16 -10.84 -3.74
O2N NDP E . 22.85 -9.31 -4.86
O5D NDP E . 20.78 -8.40 -3.79
C5D NDP E . 21.13 -7.04 -3.72
C4D NDP E . 20.05 -6.25 -2.99
O4D NDP E . 18.76 -6.62 -3.43
C3D NDP E . 20.11 -6.48 -1.49
O3D NDP E . 20.00 -5.25 -0.82
C2D NDP E . 18.89 -7.34 -1.21
O2D NDP E . 18.35 -7.05 0.05
C1D NDP E . 17.94 -6.97 -2.34
N1N NDP E . 17.07 -8.10 -2.68
C2N NDP E . 17.56 -9.15 -3.41
C3N NDP E . 16.76 -10.23 -3.74
C7N NDP E . 17.32 -11.38 -4.55
O7N NDP E . 16.48 -12.46 -4.88
N7N NDP E . 18.59 -11.35 -4.94
C4N NDP E . 15.44 -10.26 -3.34
C5N NDP E . 14.91 -9.12 -2.54
C6N NDP E . 15.77 -8.07 -2.24
P2B NDP E . 30.70 -8.76 0.86
O1X NDP E . 31.82 -7.90 0.44
O2X NDP E . 30.85 -9.16 2.32
O3X NDP E . 30.67 -10.06 0.03
C1 TOP F . 14.77 -12.98 -0.90
N2 TOP F . 15.38 -11.96 -0.28
C3 TOP F . 16.73 -11.80 -0.34
N4 TOP F . 17.33 -10.76 0.29
N5 TOP F . 17.50 -12.68 -1.01
C6 TOP F . 16.92 -13.73 -1.64
N7 TOP F . 17.71 -14.59 -2.30
C8 TOP F . 15.54 -13.91 -1.59
C9 TOP F . 14.89 -15.06 -2.32
C10 TOP F . 14.55 -16.29 -1.50
C11 TOP F . 15.51 -16.91 -0.70
C12 TOP F . 15.18 -18.06 0.03
O13 TOP F . 16.07 -18.58 0.75
C14 TOP F . 17.35 -18.95 0.24
C15 TOP F . 13.88 -18.60 -0.04
O16 TOP F . 13.58 -19.65 0.62
C17 TOP F . 13.24 -19.67 2.02
C18 TOP F . 12.91 -17.99 -0.87
O19 TOP F . 11.73 -18.45 -0.97
C20 TOP F . 10.73 -17.85 -1.80
C21 TOP F . 13.27 -16.83 -1.59
PA NDP G . 3.77 9.19 23.86
O1A NDP G . 4.50 10.13 22.99
O2A NDP G . 3.09 9.90 25.03
O5B NDP G . 4.79 8.10 24.42
C5B NDP G . 4.31 6.95 25.06
C4B NDP G . 5.27 6.49 26.15
O4B NDP G . 6.37 5.79 25.60
C3B NDP G . 5.89 7.61 26.98
O3B NDP G . 5.00 8.11 27.95
C2B NDP G . 7.12 6.93 27.56
O2B NDP G . 6.91 6.44 28.88
C1B NDP G . 7.36 5.75 26.62
N9A NDP G . 8.75 5.78 26.08
C8A NDP G . 9.33 6.70 25.26
N7A NDP G . 10.61 6.34 25.03
C5A NDP G . 10.86 5.20 25.72
C6A NDP G . 11.99 4.40 25.86
N6A NDP G . 13.17 4.81 25.40
N1A NDP G . 11.93 3.27 26.65
C2A NDP G . 10.76 2.93 27.30
N3A NDP G . 9.64 3.72 27.16
C4A NDP G . 9.69 4.84 26.38
O3 NDP G . 2.74 8.30 22.99
PN NDP G . 1.21 8.67 22.59
O1N NDP G . 1.17 9.99 21.94
O2N NDP G . 0.35 8.38 23.75
O5D NDP G . 0.89 7.59 21.44
C5D NDP G . 0.98 6.21 21.69
C4D NDP G . 1.46 5.48 20.45
O4D NDP G . 0.79 5.99 19.31
C3D NDP G . 2.94 5.66 20.21
O3D NDP G . 3.51 4.39 19.90
C2D NDP G . 3.03 6.61 19.03
O2D NDP G . 4.13 6.32 18.21
C1D NDP G . 1.72 6.35 18.31
N1N NDP G . 1.26 7.53 17.57
C2N NDP G . 0.71 8.57 18.26
C3N NDP G . 0.26 9.71 17.61
C7N NDP G . -0.35 10.82 18.38
O7N NDP G . -0.80 11.97 17.70
N7N NDP G . -0.45 10.71 19.70
C4N NDP G . 0.38 9.80 16.23
C5N NDP G . 0.99 8.64 15.49
C6N NDP G . 1.41 7.55 16.22
P2B NDP G . 7.49 7.18 30.18
O1X NDP G . 7.32 6.24 31.32
O2X NDP G . 8.99 7.50 30.05
O3X NDP G . 6.70 8.46 30.42
C1 TOP H . 3.04 12.07 15.20
N2 TOP H . 3.68 11.03 15.75
C3 TOP H . 3.73 10.85 17.11
N4 TOP H . 4.37 9.78 17.64
N5 TOP H . 3.13 11.74 17.94
C6 TOP H . 2.48 12.82 17.42
N7 TOP H . 1.89 13.71 18.26
C8 TOP H . 2.42 13.00 16.04
C9 TOP H . 1.68 14.17 15.46
C10 TOP H . 2.48 15.45 15.29
C11 TOP H . 3.25 15.97 16.33
C12 TOP H . 3.97 17.15 16.15
O13 TOP H . 4.66 17.59 17.11
C14 TOP H . 6.04 17.32 17.29
C15 TOP H . 3.88 17.83 14.92
O16 TOP H . 4.53 18.91 14.73
C17 TOP H . 3.99 20.21 14.98
C18 TOP H . 3.10 17.31 13.87
O19 TOP H . 3.01 17.91 12.76
C20 TOP H . 2.06 17.54 11.76
C21 TOP H . 2.40 16.12 14.08
PA NDP I . -5.79 14.63 -21.20
O1A NDP I . -6.62 15.20 -20.12
O2A NDP I . -5.21 15.73 -22.13
O5B NDP I . -6.69 13.59 -22.04
C5B NDP I . -6.07 12.75 -22.99
C4B NDP I . -6.95 12.49 -24.19
O4B NDP I . -7.97 11.57 -23.90
C3B NDP I . -7.68 13.70 -24.78
O3B NDP I . -6.85 14.47 -25.60
C2B NDP I . -8.82 13.06 -25.54
O2B NDP I . -8.54 12.95 -26.92
C1B NDP I . -8.91 11.64 -24.96
N9A NDP I . -10.27 11.37 -24.52
C8A NDP I . -10.97 12.00 -23.52
N7A NDP I . -12.20 11.42 -23.46
C5A NDP I . -12.29 10.44 -24.39
C6A NDP I . -13.31 9.55 -24.76
N6A NDP I . -14.52 9.63 -24.24
N1A NDP I . -13.09 8.65 -25.77
C2A NDP I . -11.87 8.63 -26.43
N3A NDP I . -10.87 9.52 -26.07
C4A NDP I . -11.08 10.41 -25.06
O3 NDP I . -4.66 13.69 -20.53
PN NDP I . -3.18 14.16 -20.03
O1N NDP I . -3.31 15.29 -19.09
O2N NDP I . -2.28 14.32 -21.19
O5D NDP I . -2.73 12.85 -19.20
C5D NDP I . -2.66 11.58 -19.83
C4D NDP I . -3.02 10.47 -18.86
O4D NDP I . -2.40 10.70 -17.60
C3D NDP I . -4.51 10.39 -18.64
O3D NDP I . -4.91 9.03 -18.73
C2D NDP I . -4.70 10.93 -17.24
O2D NDP I . -5.70 10.26 -16.53
C1D NDP I . -3.36 10.66 -16.57
N1N NDP I . -3.06 11.65 -15.55
C2N NDP I . -2.63 12.90 -15.92
C3N NDP I . -2.33 13.87 -14.98
C7N NDP I . -1.87 15.22 -15.41
O7N NDP I . -1.56 16.20 -14.44
N7N NDP I . -1.74 15.48 -16.71
C4N NDP I . -2.46 13.57 -13.62
C5N NDP I . -2.93 12.21 -13.23
C6N NDP I . -3.21 11.30 -14.24
P2B NDP I . -9.19 13.94 -28.01
O1X NDP I . -8.92 13.44 -29.37
O2X NDP I . -10.71 14.01 -27.83
O3X NDP I . -8.56 15.33 -27.83
PA NDP J . -22.64 -13.40 -2.21
O1A NDP J . -21.79 -13.94 -3.26
O2A NDP J . -23.47 -14.49 -1.50
O5B NDP J . -23.60 -12.31 -2.85
C5B NDP J . -24.34 -11.44 -2.04
C4B NDP J . -25.67 -11.07 -2.68
O4B NDP J . -25.49 -10.12 -3.71
C3B NDP J . -26.41 -12.21 -3.35
O3B NDP J . -27.07 -13.02 -2.41
C2B NDP J . -27.34 -11.48 -4.30
O2B NDP J . -28.66 -11.36 -3.77
C1B NDP J . -26.71 -10.10 -4.44
N9A NDP J . -26.49 -9.75 -5.86
C8A NDP J . -25.66 -10.36 -6.75
N7A NDP J . -25.79 -9.74 -7.93
C5A NDP J . -26.70 -8.75 -7.81
C6A NDP J . -27.21 -7.81 -8.72
N6A NDP J . -26.95 -7.91 -10.01
N1A NDP J . -28.15 -6.90 -8.27
C2A NDP J . -28.58 -6.92 -6.97
N3A NDP J . -28.07 -7.86 -6.10
C4A NDP J . -27.15 -8.75 -6.51
O3 NDP J . -21.73 -12.53 -1.18
PN NDP J . -21.02 -13.07 0.16
O1N NDP J . -20.19 -14.25 -0.19
O2N NDP J . -22.01 -13.16 1.25
O5D NDP J . -20.04 -11.85 0.50
C5D NDP J . -20.55 -10.57 0.78
C4D NDP J . -19.59 -9.49 0.27
O4D NDP J . -18.26 -9.79 0.63
C3D NDP J . -19.66 -9.37 -1.24
O3D NDP J . -19.72 -8.00 -1.58
C2D NDP J . -18.34 -9.95 -1.71
O2D NDP J . -17.83 -9.26 -2.82
C1D NDP J . -17.43 -9.75 -0.50
N1N NDP J . -16.42 -10.82 -0.44
C2N NDP J . -16.76 -12.08 -0.02
C3N NDP J . -15.82 -13.10 0.05
C7N NDP J . -16.22 -14.45 0.52
O7N NDP J . -15.26 -15.48 0.58
N7N NDP J . -17.48 -14.66 0.87
C4N NDP J . -14.50 -12.85 -0.33
C5N NDP J . -14.13 -11.48 -0.79
C6N NDP J . -15.14 -10.52 -0.83
P2B NDP J . -29.90 -12.27 -4.26
O1X NDP J . -31.14 -11.70 -3.70
O2X NDP J . -30.03 -12.28 -5.81
O3X NDP J . -29.69 -13.69 -3.76
#